data_5M7X
#
_entry.id   5M7X
#
_cell.length_a   38.110
_cell.length_b   38.160
_cell.length_c   147.070
_cell.angle_alpha   88.55
_cell.angle_beta   95.32
_cell.angle_gamma   103.33
#
_symmetry.space_group_name_H-M   'P 1'
#
loop_
_entity.id
_entity.type
_entity.pdbx_description
1 polymer 'Eukaryotic translation initiation factor 4E'
2 non-polymer '[(2~{R},3~{R},4~{R},5~{R})-5-(2-azanyl-7-methyl-6-oxidanylidene-1~{H}-purin-7-ium-9-yl)-4-methoxy-3-oxidanyl-oxolan-2-yl]methyl [phosphonooxy(selanyl)phosphoryl] hydrogen phosphate'
3 non-polymer GLYCEROL
4 water water
#
_entity_poly.entity_id   1
_entity_poly.type   'polypeptide(L)'
_entity_poly.pdbx_seq_one_letter_code
;VANPEHYIKHPLQNRWALWFFKNDKSKTWQANLRLISKFDTVEDFWALYNHIQLSSNLMPGCDYSLFKDGIEPMWEDEKN
KRGGRWLITLNKQQRRSDLDRFWLETLLCLIGESFDDYSDDVCGAVVNVRAKGDKIAIWTTECENRDAVTHIGRVYKERL
GLPPKIVIGYQSHADTATKSGSTTKNRFVV
;
_entity_poly.pdbx_strand_id   A,B,C,D
#
# COMPACT_ATOMS: atom_id res chain seq x y z
N ASN A 3 0.06 -20.51 -45.32
CA ASN A 3 0.42 -19.48 -44.35
C ASN A 3 -0.55 -19.52 -43.18
N PRO A 4 -0.15 -20.22 -42.12
CA PRO A 4 -1.05 -20.36 -40.95
C PRO A 4 -1.49 -19.03 -40.36
N GLU A 5 -0.65 -18.00 -40.42
CA GLU A 5 -0.99 -16.73 -39.75
C GLU A 5 -2.28 -16.12 -40.31
N HIS A 6 -2.60 -16.38 -41.58
CA HIS A 6 -3.68 -15.65 -42.24
C HIS A 6 -5.06 -16.26 -41.97
N TYR A 7 -5.16 -17.44 -41.38
CA TYR A 7 -6.47 -18.05 -41.17
C TYR A 7 -6.66 -18.78 -39.84
N ILE A 8 -5.65 -18.94 -39.01
CA ILE A 8 -5.84 -19.63 -37.74
C ILE A 8 -6.12 -18.61 -36.65
N LYS A 9 -7.02 -18.96 -35.73
CA LYS A 9 -7.21 -18.12 -34.57
C LYS A 9 -5.97 -18.24 -33.67
N HIS A 10 -5.79 -17.23 -32.82
CA HIS A 10 -4.62 -17.14 -31.95
C HIS A 10 -4.93 -17.86 -30.65
N PRO A 11 -4.31 -19.00 -30.37
CA PRO A 11 -4.66 -19.74 -29.15
C PRO A 11 -4.12 -19.05 -27.92
N LEU A 12 -4.90 -19.08 -26.86
CA LEU A 12 -4.44 -18.59 -25.58
C LEU A 12 -3.67 -19.68 -24.85
N GLN A 13 -2.88 -19.27 -23.85
CA GLN A 13 -2.10 -20.25 -23.11
C GLN A 13 -3.02 -21.21 -22.35
N ASN A 14 -4.16 -20.70 -21.86
CA ASN A 14 -5.16 -21.48 -21.17
C ASN A 14 -6.53 -21.34 -21.82
N ARG A 15 -7.36 -22.36 -21.60
CA ARG A 15 -8.79 -22.25 -21.83
C ARG A 15 -9.42 -21.66 -20.57
N TRP A 16 -10.34 -20.72 -20.76
CA TRP A 16 -10.96 -19.98 -19.67
C TRP A 16 -12.46 -20.18 -19.69
N ALA A 17 -13.08 -20.08 -18.52
CA ALA A 17 -14.53 -20.19 -18.39
C ALA A 17 -15.05 -18.93 -17.73
N LEU A 18 -16.08 -18.34 -18.34
CA LEU A 18 -16.76 -17.19 -17.75
C LEU A 18 -18.03 -17.66 -17.06
N TRP A 19 -18.20 -17.21 -15.82
CA TRP A 19 -19.30 -17.57 -14.95
C TRP A 19 -20.11 -16.33 -14.61
N PHE A 20 -21.40 -16.54 -14.34
CA PHE A 20 -22.29 -15.45 -13.97
C PHE A 20 -23.00 -15.85 -12.68
N PHE A 21 -23.18 -14.88 -11.79
CA PHE A 21 -23.92 -15.06 -10.54
C PHE A 21 -25.02 -14.02 -10.49
N LYS A 22 -26.25 -14.44 -10.23
CA LYS A 22 -27.33 -13.49 -9.97
C LYS A 22 -27.90 -13.79 -8.59
N ASN A 23 -27.95 -12.78 -7.73
CA ASN A 23 -28.51 -13.02 -6.40
C ASN A 23 -29.99 -13.31 -6.54
N ASP A 24 -30.40 -14.45 -6.01
CA ASP A 24 -31.80 -14.86 -5.92
C ASP A 24 -31.93 -15.49 -4.54
N LYS A 25 -32.71 -14.86 -3.67
CA LYS A 25 -32.85 -15.33 -2.30
C LYS A 25 -33.59 -16.67 -2.23
N SER A 26 -34.21 -17.12 -3.32
N SER A 26 -34.19 -17.13 -3.32
CA SER A 26 -34.86 -18.43 -3.31
CA SER A 26 -34.87 -18.42 -3.32
C SER A 26 -33.86 -19.58 -3.35
C SER A 26 -33.93 -19.58 -3.62
N LYS A 27 -32.64 -19.32 -3.80
CA LYS A 27 -31.66 -20.37 -4.09
C LYS A 27 -30.43 -20.23 -3.20
N THR A 28 -29.70 -21.33 -3.08
CA THR A 28 -28.42 -21.26 -2.40
C THR A 28 -27.40 -20.50 -3.24
N TRP A 29 -26.31 -20.07 -2.59
CA TRP A 29 -25.26 -19.33 -3.31
C TRP A 29 -24.74 -20.17 -4.49
N GLN A 30 -24.46 -21.45 -4.25
CA GLN A 30 -23.89 -22.27 -5.32
C GLN A 30 -24.88 -22.42 -6.48
N ALA A 31 -26.18 -22.51 -6.17
CA ALA A 31 -27.18 -22.67 -7.22
C ALA A 31 -27.34 -21.42 -8.04
N ASN A 32 -26.91 -20.27 -7.51
CA ASN A 32 -27.02 -19.01 -8.22
C ASN A 32 -25.85 -18.78 -9.17
N LEU A 33 -24.84 -19.65 -9.12
CA LEU A 33 -23.64 -19.55 -9.93
C LEU A 33 -23.79 -20.42 -11.18
N ARG A 34 -23.55 -19.84 -12.37
CA ARG A 34 -23.75 -20.59 -13.61
C ARG A 34 -22.63 -20.32 -14.61
N LEU A 35 -22.20 -21.38 -15.27
CA LEU A 35 -21.25 -21.27 -16.36
C LEU A 35 -21.91 -20.63 -17.58
N ILE A 36 -21.27 -19.59 -18.12
CA ILE A 36 -21.79 -18.96 -19.34
C ILE A 36 -21.19 -19.68 -20.54
N SER A 37 -19.87 -19.60 -20.68
CA SER A 37 -19.23 -20.30 -21.79
C SER A 37 -17.73 -20.34 -21.56
N LYS A 38 -17.05 -21.07 -22.43
CA LYS A 38 -15.61 -21.19 -22.39
C LYS A 38 -15.02 -20.74 -23.72
N PHE A 39 -13.75 -20.34 -23.68
CA PHE A 39 -13.03 -19.91 -24.87
C PHE A 39 -11.55 -20.21 -24.68
N ASP A 40 -10.83 -20.36 -25.79
CA ASP A 40 -9.39 -20.59 -25.69
C ASP A 40 -8.61 -19.93 -26.82
N THR A 41 -9.18 -18.90 -27.46
CA THR A 41 -8.48 -18.11 -28.45
C THR A 41 -8.77 -16.64 -28.19
N VAL A 42 -7.90 -15.79 -28.73
CA VAL A 42 -8.12 -14.34 -28.62
C VAL A 42 -9.45 -13.95 -29.27
N GLU A 43 -9.71 -14.49 -30.47
CA GLU A 43 -10.91 -14.14 -31.22
C GLU A 43 -12.18 -14.58 -30.49
N ASP A 44 -12.15 -15.75 -29.85
CA ASP A 44 -13.34 -16.16 -29.12
C ASP A 44 -13.49 -15.40 -27.81
N PHE A 45 -12.38 -14.94 -27.21
CA PHE A 45 -12.51 -14.04 -26.07
C PHE A 45 -13.27 -12.78 -26.46
N TRP A 46 -12.87 -12.12 -27.53
CA TRP A 46 -13.49 -10.85 -27.87
C TRP A 46 -14.94 -11.04 -28.32
N ALA A 47 -15.23 -12.15 -29.02
CA ALA A 47 -16.61 -12.45 -29.39
C ALA A 47 -17.50 -12.54 -28.16
N LEU A 48 -17.01 -13.18 -27.10
CA LEU A 48 -17.81 -13.26 -25.88
C LEU A 48 -17.91 -11.91 -25.20
N TYR A 49 -16.77 -11.23 -25.02
CA TYR A 49 -16.78 -9.95 -24.32
C TYR A 49 -17.70 -8.96 -25.01
N ASN A 50 -17.70 -8.94 -26.35
CA ASN A 50 -18.50 -7.97 -27.08
C ASN A 50 -19.98 -8.29 -27.05
N HIS A 51 -20.35 -9.49 -26.62
CA HIS A 51 -21.72 -9.97 -26.62
C HIS A 51 -22.43 -9.79 -25.28
N ILE A 52 -21.69 -9.57 -24.19
CA ILE A 52 -22.26 -9.54 -22.85
C ILE A 52 -22.24 -8.13 -22.28
N GLN A 53 -23.05 -7.94 -21.23
CA GLN A 53 -23.20 -6.62 -20.62
C GLN A 53 -21.91 -6.20 -19.93
N LEU A 54 -21.61 -4.90 -20.00
CA LEU A 54 -20.58 -4.33 -19.13
C LEU A 54 -20.95 -4.51 -17.67
N SER A 55 -19.94 -4.73 -16.82
CA SER A 55 -20.21 -4.95 -15.40
C SER A 55 -21.01 -3.80 -14.80
N SER A 56 -20.74 -2.57 -15.24
CA SER A 56 -21.43 -1.41 -14.70
C SER A 56 -22.92 -1.39 -15.04
N ASN A 57 -23.36 -2.22 -15.98
CA ASN A 57 -24.76 -2.31 -16.36
CA ASN A 57 -24.76 -2.32 -16.36
C ASN A 57 -25.48 -3.51 -15.74
N LEU A 58 -24.78 -4.31 -14.94
CA LEU A 58 -25.44 -5.44 -14.28
C LEU A 58 -26.27 -4.95 -13.09
N MET A 59 -27.35 -5.68 -12.82
CA MET A 59 -28.16 -5.40 -11.63
C MET A 59 -27.34 -5.61 -10.36
N PRO A 60 -27.55 -4.78 -9.34
CA PRO A 60 -26.83 -4.99 -8.07
C PRO A 60 -27.05 -6.40 -7.56
N GLY A 61 -25.97 -7.01 -7.06
CA GLY A 61 -25.99 -8.38 -6.59
C GLY A 61 -25.46 -9.41 -7.56
N CYS A 62 -25.02 -9.02 -8.76
CA CYS A 62 -24.50 -9.95 -9.75
C CYS A 62 -22.97 -9.97 -9.72
N ASP A 63 -22.41 -11.09 -10.18
CA ASP A 63 -20.96 -11.22 -10.40
C ASP A 63 -20.67 -11.75 -11.79
N TYR A 64 -19.49 -11.38 -12.30
CA TYR A 64 -18.81 -12.18 -13.33
C TYR A 64 -17.57 -12.82 -12.70
N SER A 65 -17.22 -14.03 -13.13
CA SER A 65 -15.97 -14.66 -12.76
C SER A 65 -15.35 -15.29 -14.00
N LEU A 66 -14.04 -15.06 -14.19
CA LEU A 66 -13.30 -15.72 -15.27
C LEU A 66 -12.24 -16.59 -14.61
N PHE A 67 -12.36 -17.91 -14.80
CA PHE A 67 -11.44 -18.84 -14.16
C PHE A 67 -10.90 -19.81 -15.18
N LYS A 68 -9.69 -20.29 -14.91
CA LYS A 68 -9.11 -21.32 -15.75
C LYS A 68 -10.07 -22.51 -15.82
N ASP A 69 -10.20 -23.08 -17.02
CA ASP A 69 -11.08 -24.23 -17.21
C ASP A 69 -10.70 -25.30 -16.20
N GLY A 70 -11.69 -25.81 -15.47
CA GLY A 70 -11.46 -26.82 -14.47
C GLY A 70 -11.44 -26.29 -13.05
N ILE A 71 -11.38 -24.98 -12.86
CA ILE A 71 -11.41 -24.39 -11.52
C ILE A 71 -12.75 -23.69 -11.35
N GLU A 72 -13.53 -24.17 -10.42
CA GLU A 72 -14.76 -23.42 -10.20
C GLU A 72 -14.47 -22.18 -9.36
N PRO A 73 -15.29 -21.06 -9.57
CA PRO A 73 -15.04 -19.79 -8.87
C PRO A 73 -15.58 -19.79 -7.45
N MET A 74 -15.13 -20.76 -6.65
CA MET A 74 -15.60 -20.84 -5.29
C MET A 74 -14.47 -21.31 -4.40
N TRP A 75 -14.52 -20.88 -3.15
CA TRP A 75 -13.47 -21.22 -2.19
C TRP A 75 -13.23 -22.72 -2.09
N GLU A 76 -14.28 -23.53 -2.27
CA GLU A 76 -14.21 -24.98 -2.03
C GLU A 76 -13.43 -25.74 -3.09
N ASP A 77 -13.11 -25.13 -4.23
CA ASP A 77 -12.39 -25.83 -5.28
C ASP A 77 -11.00 -26.17 -4.76
N GLU A 78 -10.49 -27.35 -5.14
CA GLU A 78 -9.17 -27.77 -4.67
C GLU A 78 -8.12 -26.72 -4.95
N LYS A 79 -8.26 -25.97 -6.04
CA LYS A 79 -7.24 -24.98 -6.37
C LYS A 79 -7.48 -23.63 -5.71
N ASN A 80 -8.60 -23.44 -5.03
CA ASN A 80 -8.81 -22.20 -4.29
C ASN A 80 -8.75 -22.35 -2.77
N LYS A 81 -8.93 -23.57 -2.24
CA LYS A 81 -9.18 -23.69 -0.81
C LYS A 81 -8.01 -23.20 0.05
N ARG A 82 -6.77 -23.34 -0.44
CA ARG A 82 -5.62 -22.83 0.28
C ARG A 82 -5.13 -21.49 -0.26
N GLY A 83 -5.95 -20.83 -1.07
CA GLY A 83 -5.56 -19.64 -1.77
C GLY A 83 -6.14 -18.38 -1.19
N GLY A 84 -6.20 -17.35 -2.01
CA GLY A 84 -6.64 -16.03 -1.57
C GLY A 84 -6.79 -15.10 -2.75
N ARG A 85 -6.99 -13.82 -2.44
CA ARG A 85 -7.35 -12.85 -3.47
C ARG A 85 -6.69 -11.50 -3.21
N TRP A 86 -6.19 -10.90 -4.28
CA TRP A 86 -5.86 -9.46 -4.28
C TRP A 86 -7.14 -8.68 -4.53
N LEU A 87 -7.51 -7.80 -3.60
CA LEU A 87 -8.82 -7.17 -3.64
C LEU A 87 -8.72 -5.70 -4.03
N ILE A 88 -9.55 -5.30 -4.99
CA ILE A 88 -9.69 -3.90 -5.40
C ILE A 88 -11.08 -3.49 -4.91
N THR A 89 -11.17 -2.55 -3.97
CA THR A 89 -12.47 -2.09 -3.49
C THR A 89 -12.80 -0.75 -4.12
N LEU A 90 -13.97 -0.65 -4.74
CA LEU A 90 -14.39 0.56 -5.44
CA LEU A 90 -14.39 0.55 -5.45
C LEU A 90 -15.45 1.29 -4.64
N ASN A 91 -15.41 2.62 -4.66
CA ASN A 91 -16.51 3.37 -4.07
C ASN A 91 -17.61 3.51 -5.11
N LYS A 92 -18.73 4.12 -4.69
CA LYS A 92 -19.86 4.18 -5.59
C LYS A 92 -19.58 5.01 -6.84
N GLN A 93 -18.76 6.06 -6.71
CA GLN A 93 -18.46 6.88 -7.87
C GLN A 93 -17.59 6.13 -8.86
N GLN A 94 -16.81 5.16 -8.38
CA GLN A 94 -15.94 4.42 -9.26
C GLN A 94 -16.70 3.43 -10.14
N ARG A 95 -17.98 3.15 -9.83
CA ARG A 95 -18.76 2.38 -10.78
C ARG A 95 -18.71 3.02 -12.16
N ARG A 96 -18.82 4.34 -12.20
CA ARG A 96 -18.81 5.02 -13.49
C ARG A 96 -17.40 5.17 -14.06
N SER A 97 -16.43 5.53 -13.23
CA SER A 97 -15.11 5.94 -13.72
C SER A 97 -14.18 4.76 -14.01
N ASP A 98 -14.20 3.73 -13.17
CA ASP A 98 -13.14 2.73 -13.18
C ASP A 98 -13.60 1.29 -13.31
N LEU A 99 -14.85 0.96 -13.00
CA LEU A 99 -15.20 -0.46 -12.86
C LEU A 99 -14.95 -1.24 -14.15
N ASP A 100 -15.48 -0.74 -15.26
CA ASP A 100 -15.37 -1.50 -16.51
C ASP A 100 -13.94 -1.52 -17.04
N ARG A 101 -13.22 -0.39 -16.92
CA ARG A 101 -11.85 -0.40 -17.43
C ARG A 101 -10.93 -1.27 -16.57
N PHE A 102 -11.11 -1.24 -15.24
CA PHE A 102 -10.37 -2.13 -14.35
C PHE A 102 -10.70 -3.59 -14.62
N TRP A 103 -11.99 -3.92 -14.84
CA TRP A 103 -12.36 -5.30 -15.10
C TRP A 103 -11.76 -5.78 -16.42
N LEU A 104 -11.85 -4.97 -17.48
CA LEU A 104 -11.28 -5.46 -18.74
C LEU A 104 -9.77 -5.61 -18.62
N GLU A 105 -9.11 -4.70 -17.90
CA GLU A 105 -7.67 -4.84 -17.69
C GLU A 105 -7.36 -6.11 -16.91
N THR A 106 -8.23 -6.46 -15.95
CA THR A 106 -8.05 -7.70 -15.19
C THR A 106 -8.20 -8.92 -16.08
N LEU A 107 -9.24 -8.94 -16.93
CA LEU A 107 -9.38 -10.02 -17.90
C LEU A 107 -8.15 -10.21 -18.76
N LEU A 108 -7.56 -9.10 -19.24
CA LEU A 108 -6.40 -9.21 -20.11
C LEU A 108 -5.17 -9.66 -19.35
N CYS A 109 -5.04 -9.26 -18.09
CA CYS A 109 -3.95 -9.78 -17.25
C CYS A 109 -4.02 -11.29 -17.17
N LEU A 110 -5.22 -11.84 -17.05
CA LEU A 110 -5.39 -13.29 -16.97
C LEU A 110 -5.07 -13.96 -18.32
N ILE A 111 -5.77 -13.56 -19.38
CA ILE A 111 -5.67 -14.34 -20.61
C ILE A 111 -4.32 -14.12 -21.30
N GLY A 112 -3.70 -12.96 -21.11
CA GLY A 112 -2.38 -12.66 -21.63
C GLY A 112 -1.25 -13.15 -20.75
N GLU A 113 -1.58 -13.83 -19.66
CA GLU A 113 -0.60 -14.41 -18.73
C GLU A 113 0.48 -13.40 -18.32
N SER A 114 0.01 -12.29 -17.73
CA SER A 114 0.83 -11.10 -17.50
C SER A 114 1.71 -11.17 -16.26
N PHE A 115 1.69 -12.27 -15.50
CA PHE A 115 2.44 -12.36 -14.26
C PHE A 115 3.68 -13.27 -14.38
N ASP A 116 4.21 -13.39 -15.60
CA ASP A 116 5.53 -14.02 -15.85
C ASP A 116 5.47 -15.45 -15.30
N ASP A 117 6.49 -15.90 -14.55
CA ASP A 117 6.52 -17.26 -14.03
C ASP A 117 5.37 -17.57 -13.09
N TYR A 118 4.80 -16.55 -12.45
CA TYR A 118 3.79 -16.78 -11.43
C TYR A 118 2.38 -16.83 -11.97
N SER A 119 2.20 -16.69 -13.29
CA SER A 119 0.84 -16.76 -13.81
C SER A 119 0.23 -18.14 -13.57
N ASP A 120 1.06 -19.18 -13.36
CA ASP A 120 0.52 -20.48 -12.98
C ASP A 120 -0.15 -20.46 -11.61
N ASP A 121 0.20 -19.53 -10.73
CA ASP A 121 -0.49 -19.41 -9.45
C ASP A 121 -1.86 -18.77 -9.57
N VAL A 122 -2.18 -18.16 -10.71
CA VAL A 122 -3.47 -17.50 -10.89
C VAL A 122 -4.56 -18.53 -11.13
N CYS A 123 -5.66 -18.39 -10.41
CA CYS A 123 -6.85 -19.20 -10.62
C CYS A 123 -7.89 -18.50 -11.50
N GLY A 124 -8.12 -17.22 -11.26
CA GLY A 124 -9.16 -16.50 -11.97
C GLY A 124 -9.36 -15.14 -11.35
N ALA A 125 -10.46 -14.51 -11.73
CA ALA A 125 -10.80 -13.18 -11.23
C ALA A 125 -12.30 -13.07 -11.09
N VAL A 126 -12.74 -12.18 -10.20
CA VAL A 126 -14.16 -11.98 -9.89
C VAL A 126 -14.44 -10.51 -9.82
N VAL A 127 -15.57 -10.08 -10.42
CA VAL A 127 -16.11 -8.74 -10.19
C VAL A 127 -17.47 -8.88 -9.52
N ASN A 128 -17.65 -8.20 -8.38
CA ASN A 128 -18.91 -8.14 -7.66
C ASN A 128 -19.52 -6.77 -7.88
N VAL A 129 -20.71 -6.72 -8.46
CA VAL A 129 -21.45 -5.46 -8.60
C VAL A 129 -22.41 -5.37 -7.42
N ARG A 130 -22.19 -4.37 -6.57
CA ARG A 130 -22.99 -4.21 -5.36
C ARG A 130 -23.30 -2.75 -5.09
N ALA A 131 -24.49 -2.55 -4.51
CA ALA A 131 -24.95 -1.20 -4.21
C ALA A 131 -24.02 -0.52 -3.21
N LYS A 132 -23.46 -1.28 -2.28
CA LYS A 132 -22.61 -0.70 -1.25
C LYS A 132 -21.21 -0.36 -1.73
N GLY A 133 -20.84 -0.79 -2.94
CA GLY A 133 -19.51 -0.56 -3.47
C GLY A 133 -19.05 -1.80 -4.22
N ASP A 134 -18.56 -1.65 -5.44
CA ASP A 134 -18.16 -2.83 -6.21
C ASP A 134 -16.77 -3.34 -5.78
N LYS A 135 -16.48 -4.58 -6.17
CA LYS A 135 -15.17 -5.20 -5.90
C LYS A 135 -14.68 -5.95 -7.14
N ILE A 136 -13.36 -5.89 -7.35
CA ILE A 136 -12.68 -6.74 -8.34
C ILE A 136 -11.56 -7.45 -7.60
N ALA A 137 -11.33 -8.72 -7.94
CA ALA A 137 -10.30 -9.47 -7.23
C ALA A 137 -9.65 -10.46 -8.19
N ILE A 138 -8.33 -10.66 -8.04
CA ILE A 138 -7.62 -11.78 -8.66
C ILE A 138 -7.38 -12.84 -7.61
N TRP A 139 -7.81 -14.07 -7.90
CA TRP A 139 -7.67 -15.19 -7.00
C TRP A 139 -6.43 -16.00 -7.36
N THR A 140 -5.63 -16.36 -6.35
CA THR A 140 -4.46 -17.20 -6.55
C THR A 140 -4.54 -18.44 -5.65
N THR A 141 -3.72 -19.42 -5.96
CA THR A 141 -3.96 -20.79 -5.50
C THR A 141 -3.38 -21.11 -4.13
N GLU A 142 -2.41 -20.34 -3.63
CA GLU A 142 -1.74 -20.67 -2.38
C GLU A 142 -1.38 -19.39 -1.65
N CYS A 143 -2.06 -19.11 -0.54
CA CYS A 143 -1.84 -17.85 0.17
C CYS A 143 -0.48 -17.80 0.88
N GLU A 144 0.21 -18.93 1.02
CA GLU A 144 1.51 -18.96 1.66
C GLU A 144 2.68 -18.74 0.71
N ASN A 145 2.44 -18.63 -0.60
CA ASN A 145 3.54 -18.43 -1.55
C ASN A 145 3.79 -16.92 -1.65
N ARG A 146 4.61 -16.41 -0.73
CA ARG A 146 4.77 -14.98 -0.62
C ARG A 146 5.35 -14.38 -1.90
N ASP A 147 6.33 -15.04 -2.51
CA ASP A 147 6.95 -14.46 -3.70
C ASP A 147 5.97 -14.40 -4.87
N ALA A 148 5.20 -15.46 -5.07
CA ALA A 148 4.22 -15.45 -6.16
C ALA A 148 3.13 -14.42 -5.90
N VAL A 149 2.57 -14.42 -4.70
CA VAL A 149 1.47 -13.52 -4.36
C VAL A 149 1.90 -12.06 -4.50
N THR A 150 3.09 -11.75 -3.97
N THR A 150 3.09 -11.73 -3.97
CA THR A 150 3.56 -10.37 -3.99
CA THR A 150 3.48 -10.32 -4.01
C THR A 150 3.85 -9.91 -5.41
C THR A 150 3.88 -9.88 -5.41
N HIS A 151 4.49 -10.76 -6.21
CA HIS A 151 4.75 -10.41 -7.61
C HIS A 151 3.45 -10.12 -8.35
N ILE A 152 2.47 -11.00 -8.21
CA ILE A 152 1.18 -10.77 -8.87
C ILE A 152 0.58 -9.45 -8.42
N GLY A 153 0.61 -9.18 -7.11
CA GLY A 153 0.03 -7.95 -6.61
C GLY A 153 0.69 -6.70 -7.16
N ARG A 154 2.03 -6.71 -7.23
CA ARG A 154 2.71 -5.51 -7.73
C ARG A 154 2.46 -5.29 -9.21
N VAL A 155 2.49 -6.37 -10.00
CA VAL A 155 2.22 -6.23 -11.43
C VAL A 155 0.79 -5.76 -11.63
N TYR A 156 -0.16 -6.34 -10.89
CA TYR A 156 -1.57 -5.98 -11.02
C TYR A 156 -1.79 -4.51 -10.70
N LYS A 157 -1.20 -4.03 -9.62
CA LYS A 157 -1.38 -2.64 -9.23
C LYS A 157 -0.87 -1.70 -10.32
N GLU A 158 0.26 -2.04 -10.95
N GLU A 158 0.27 -2.03 -10.92
CA GLU A 158 0.80 -1.17 -11.99
CA GLU A 158 0.81 -1.18 -11.99
C GLU A 158 -0.02 -1.25 -13.27
C GLU A 158 -0.08 -1.23 -13.23
N ARG A 159 -0.56 -2.42 -13.59
CA ARG A 159 -1.40 -2.56 -14.79
C ARG A 159 -2.72 -1.83 -14.63
N LEU A 160 -3.25 -1.76 -13.41
CA LEU A 160 -4.43 -0.95 -13.14
C LEU A 160 -4.12 0.53 -13.14
N GLY A 161 -2.85 0.92 -13.05
CA GLY A 161 -2.47 2.31 -12.97
C GLY A 161 -2.68 2.98 -11.64
N LEU A 162 -2.73 2.20 -10.56
CA LEU A 162 -2.98 2.79 -9.24
C LEU A 162 -1.74 3.52 -8.72
N PRO A 163 -1.89 4.73 -8.19
CA PRO A 163 -0.73 5.49 -7.71
C PRO A 163 -0.24 4.95 -6.39
N PRO A 164 0.97 5.33 -5.95
CA PRO A 164 1.48 4.83 -4.66
C PRO A 164 0.71 5.30 -3.44
N LYS A 165 -0.16 6.31 -3.56
CA LYS A 165 -1.00 6.67 -2.42
C LYS A 165 -2.07 5.63 -2.14
N ILE A 166 -2.27 4.68 -3.04
CA ILE A 166 -3.22 3.58 -2.86
C ILE A 166 -2.44 2.34 -2.42
N VAL A 167 -3.00 1.61 -1.45
CA VAL A 167 -2.46 0.32 -1.02
C VAL A 167 -3.55 -0.72 -1.22
N ILE A 168 -3.18 -1.87 -1.79
CA ILE A 168 -4.14 -2.94 -1.97
C ILE A 168 -3.69 -4.15 -1.15
N GLY A 169 -4.67 -4.94 -0.73
CA GLY A 169 -4.45 -6.01 0.23
C GLY A 169 -4.80 -7.38 -0.35
N TYR A 170 -4.13 -8.40 0.18
CA TYR A 170 -4.34 -9.80 -0.19
C TYR A 170 -4.86 -10.56 1.03
N GLN A 171 -6.01 -11.22 0.88
CA GLN A 171 -6.68 -11.92 1.97
C GLN A 171 -6.87 -13.40 1.61
N SER A 172 -6.64 -14.28 2.58
CA SER A 172 -6.85 -15.70 2.33
C SER A 172 -8.34 -16.03 2.33
N HIS A 173 -8.75 -16.97 1.47
CA HIS A 173 -10.14 -17.41 1.46
C HIS A 173 -10.55 -18.06 2.77
N ALA A 174 -9.62 -18.73 3.44
CA ALA A 174 -9.95 -19.38 4.71
C ALA A 174 -10.39 -18.33 5.73
N ASP A 175 -9.76 -17.16 5.71
CA ASP A 175 -10.18 -16.07 6.58
C ASP A 175 -11.53 -15.50 6.12
N THR A 176 -11.72 -15.37 4.81
CA THR A 176 -13.00 -14.86 4.31
C THR A 176 -14.16 -15.79 4.68
N ALA A 177 -13.94 -17.10 4.60
CA ALA A 177 -15.01 -18.07 4.78
C ALA A 177 -15.45 -18.18 6.25
N LYS A 185 -8.64 -9.48 7.24
CA LYS A 185 -7.23 -9.40 7.56
C LYS A 185 -6.38 -9.56 6.31
N ASN A 186 -5.49 -8.61 6.08
CA ASN A 186 -4.57 -8.68 4.95
C ASN A 186 -3.37 -9.55 5.33
N ARG A 187 -3.01 -10.48 4.45
CA ARG A 187 -1.76 -11.21 4.61
C ARG A 187 -0.60 -10.45 3.99
N PHE A 188 -0.85 -9.78 2.87
CA PHE A 188 0.14 -9.00 2.14
C PHE A 188 -0.50 -7.71 1.70
N VAL A 189 0.32 -6.67 1.54
CA VAL A 189 -0.11 -5.39 0.97
C VAL A 189 0.95 -4.94 -0.02
N VAL A 190 0.50 -4.32 -1.12
CA VAL A 190 1.42 -3.68 -2.06
C VAL A 190 0.89 -2.30 -2.48
N ASN B 3 51.13 -9.89 11.43
CA ASN B 3 49.77 -10.33 11.10
C ASN B 3 48.77 -9.21 11.37
N PRO B 4 48.39 -8.48 10.32
CA PRO B 4 47.42 -7.38 10.49
C PRO B 4 46.15 -7.76 11.21
N GLU B 5 45.69 -9.00 11.05
CA GLU B 5 44.39 -9.38 11.59
C GLU B 5 44.32 -9.20 13.11
N HIS B 6 45.45 -9.34 13.81
CA HIS B 6 45.43 -9.38 15.25
C HIS B 6 45.50 -8.01 15.92
N TYR B 7 45.78 -6.93 15.19
CA TYR B 7 45.93 -5.64 15.84
C TYR B 7 45.36 -4.45 15.07
N ILE B 8 44.87 -4.63 13.86
CA ILE B 8 44.32 -3.49 13.15
C ILE B 8 42.83 -3.42 13.38
N LYS B 9 42.31 -2.21 13.52
CA LYS B 9 40.87 -2.04 13.56
C LYS B 9 40.28 -2.31 12.18
N HIS B 10 38.99 -2.64 12.15
CA HIS B 10 38.33 -3.00 10.90
C HIS B 10 37.79 -1.74 10.26
N PRO B 11 38.33 -1.30 9.13
CA PRO B 11 37.85 -0.07 8.49
C PRO B 11 36.46 -0.26 7.90
N LEU B 12 35.62 0.78 8.04
CA LEU B 12 34.34 0.77 7.35
C LEU B 12 34.52 1.26 5.92
N GLN B 13 33.52 0.95 5.08
CA GLN B 13 33.58 1.42 3.71
C GLN B 13 33.54 2.94 3.66
N ASN B 14 32.79 3.56 4.58
CA ASN B 14 32.69 5.00 4.66
C ASN B 14 33.07 5.51 6.05
N ARG B 15 33.51 6.77 6.11
CA ARG B 15 33.55 7.50 7.36
C ARG B 15 32.18 8.10 7.59
N TRP B 16 31.71 8.03 8.83
CA TRP B 16 30.39 8.49 9.22
C TRP B 16 30.49 9.56 10.30
N ALA B 17 29.48 10.45 10.32
CA ALA B 17 29.39 11.51 11.31
C ALA B 17 28.06 11.37 12.05
N LEU B 18 28.12 11.37 13.37
CA LEU B 18 26.92 11.35 14.20
C LEU B 18 26.63 12.77 14.65
N TRP B 19 25.38 13.16 14.50
CA TRP B 19 24.88 14.50 14.80
C TRP B 19 23.81 14.42 15.87
N PHE B 20 23.68 15.51 16.63
CA PHE B 20 22.66 15.59 17.66
C PHE B 20 21.87 16.87 17.47
N PHE B 21 20.56 16.80 17.68
CA PHE B 21 19.68 17.96 17.64
C PHE B 21 18.99 18.06 18.98
N LYS B 22 19.01 19.24 19.59
CA LYS B 22 18.19 19.47 20.78
C LYS B 22 17.27 20.63 20.51
N ASN B 23 15.97 20.45 20.72
CA ASN B 23 15.03 21.53 20.46
C ASN B 23 15.26 22.64 21.48
N ASP B 24 15.63 23.81 20.99
CA ASP B 24 15.76 24.99 21.84
C ASP B 24 15.07 26.13 21.11
N LYS B 25 13.97 26.63 21.67
CA LYS B 25 13.20 27.67 20.99
C LYS B 25 13.95 28.98 20.88
N SER B 26 15.07 29.16 21.57
CA SER B 26 15.88 30.36 21.47
CA SER B 26 15.81 30.39 21.43
C SER B 26 16.69 30.43 20.18
N LYS B 27 16.80 29.31 19.46
CA LYS B 27 17.71 29.19 18.33
C LYS B 27 16.99 28.72 17.07
N THR B 28 17.62 28.97 15.92
CA THR B 28 17.08 28.42 14.68
C THR B 28 17.27 26.91 14.64
N TRP B 29 16.56 26.27 13.72
CA TRP B 29 16.69 24.82 13.58
C TRP B 29 18.14 24.44 13.28
N GLN B 30 18.78 25.15 12.35
CA GLN B 30 20.16 24.79 11.98
C GLN B 30 21.12 25.02 13.14
N ALA B 31 20.89 26.04 13.96
CA ALA B 31 21.77 26.29 15.11
C ALA B 31 21.64 25.23 16.18
N ASN B 32 20.52 24.49 16.20
CA ASN B 32 20.28 23.45 17.18
C ASN B 32 20.90 22.13 16.77
N LEU B 33 21.43 22.06 15.54
CA LEU B 33 22.03 20.86 15.01
C LEU B 33 23.54 20.89 15.23
N ARG B 34 24.08 19.82 15.82
CA ARG B 34 25.51 19.81 16.15
C ARG B 34 26.14 18.47 15.82
N LEU B 35 27.34 18.54 15.25
CA LEU B 35 28.16 17.34 15.04
C LEU B 35 28.68 16.83 16.38
N ILE B 36 28.49 15.55 16.65
CA ILE B 36 29.03 14.92 17.87
C ILE B 36 30.44 14.43 17.60
N SER B 37 30.57 13.48 16.68
CA SER B 37 31.90 12.97 16.35
C SER B 37 31.82 12.13 15.09
N LYS B 38 32.97 11.72 14.60
CA LYS B 38 33.08 10.92 13.40
C LYS B 38 33.83 9.63 13.70
N PHE B 39 33.59 8.62 12.87
CA PHE B 39 34.29 7.34 13.00
C PHE B 39 34.38 6.67 11.65
N ASP B 40 35.37 5.78 11.49
CA ASP B 40 35.47 5.07 10.24
C ASP B 40 35.97 3.64 10.44
N THR B 41 35.80 3.10 11.65
CA THR B 41 36.08 1.70 11.93
C THR B 41 34.93 1.11 12.73
N VAL B 42 34.85 -0.22 12.69
CA VAL B 42 33.87 -0.94 13.51
C VAL B 42 34.09 -0.65 14.99
N GLU B 43 35.35 -0.71 15.43
CA GLU B 43 35.65 -0.51 16.85
C GLU B 43 35.31 0.89 17.31
N ASP B 44 35.54 1.90 16.45
CA ASP B 44 35.21 3.26 16.85
C ASP B 44 33.72 3.52 16.80
N PHE B 45 32.99 2.81 15.93
CA PHE B 45 31.53 2.86 15.97
C PHE B 45 31.00 2.41 17.32
N TRP B 46 31.43 1.23 17.77
CA TRP B 46 30.88 0.69 19.01
C TRP B 46 31.31 1.50 20.23
N ALA B 47 32.53 2.05 20.22
CA ALA B 47 32.95 2.93 21.30
C ALA B 47 32.01 4.12 21.42
N LEU B 48 31.60 4.67 20.29
CA LEU B 48 30.70 5.82 20.32
C LEU B 48 29.30 5.39 20.73
N TYR B 49 28.75 4.35 20.09
CA TYR B 49 27.40 3.89 20.43
C TYR B 49 27.30 3.53 21.91
N ASN B 50 28.33 2.88 22.47
CA ASN B 50 28.26 2.46 23.86
C ASN B 50 28.40 3.62 24.84
N HIS B 51 28.79 4.80 24.35
CA HIS B 51 29.06 5.95 25.19
C HIS B 51 27.88 6.92 25.26
N ILE B 52 26.90 6.81 24.35
CA ILE B 52 25.82 7.77 24.23
C ILE B 52 24.49 7.16 24.67
N GLN B 53 23.53 8.05 24.92
CA GLN B 53 22.22 7.63 25.40
C GLN B 53 21.47 6.87 24.33
N LEU B 54 20.72 5.84 24.74
CA LEU B 54 19.74 5.23 23.85
C LEU B 54 18.73 6.28 23.41
N SER B 55 18.24 6.16 22.17
CA SER B 55 17.25 7.13 21.69
C SER B 55 16.04 7.20 22.60
N SER B 56 15.62 6.06 23.15
CA SER B 56 14.43 6.06 24.01
C SER B 56 14.62 6.86 25.30
N ASN B 57 15.86 7.20 25.66
CA ASN B 57 16.14 7.98 26.86
CA ASN B 57 16.13 7.99 26.86
C ASN B 57 16.39 9.45 26.57
N LEU B 58 16.30 9.88 25.31
CA LEU B 58 16.46 11.29 24.99
C LEU B 58 15.19 12.07 25.34
N MET B 59 15.38 13.35 25.70
CA MET B 59 14.25 14.23 25.94
C MET B 59 13.43 14.42 24.65
N PRO B 60 12.11 14.54 24.76
CA PRO B 60 11.30 14.80 23.57
C PRO B 60 11.80 16.03 22.83
N GLY B 61 11.83 15.94 21.50
CA GLY B 61 12.30 17.00 20.66
C GLY B 61 13.75 16.86 20.21
N CYS B 62 14.42 15.79 20.62
CA CYS B 62 15.81 15.58 20.22
C CYS B 62 15.90 14.63 19.03
N ASP B 63 17.00 14.74 18.28
CA ASP B 63 17.29 13.80 17.20
C ASP B 63 18.73 13.30 17.27
N TYR B 64 18.93 12.07 16.78
CA TYR B 64 20.24 11.65 16.29
C TYR B 64 20.19 11.55 14.78
N SER B 65 21.30 11.88 14.10
CA SER B 65 21.44 11.62 12.67
C SER B 65 22.81 11.02 12.41
N LEU B 66 22.88 9.96 11.62
CA LEU B 66 24.16 9.39 11.20
C LEU B 66 24.24 9.56 9.69
N PHE B 67 25.20 10.35 9.22
CA PHE B 67 25.34 10.65 7.81
C PHE B 67 26.77 10.43 7.37
N LYS B 68 26.91 10.09 6.10
CA LYS B 68 28.25 9.95 5.53
C LYS B 68 29.02 11.25 5.70
N ASP B 69 30.31 11.13 6.01
CA ASP B 69 31.14 12.32 6.19
C ASP B 69 31.05 13.21 4.95
N GLY B 70 30.74 14.49 5.18
CA GLY B 70 30.59 15.43 4.09
C GLY B 70 29.16 15.75 3.72
N ILE B 71 28.18 14.98 4.19
CA ILE B 71 26.78 15.26 3.95
C ILE B 71 26.14 15.76 5.25
N GLU B 72 25.67 17.00 5.24
CA GLU B 72 24.99 17.43 6.45
C GLU B 72 23.57 16.88 6.47
N PRO B 73 22.99 16.60 7.73
CA PRO B 73 21.67 15.96 7.85
C PRO B 73 20.52 16.95 7.66
N MET B 74 20.52 17.63 6.53
CA MET B 74 19.51 18.66 6.27
C MET B 74 19.16 18.65 4.79
N TRP B 75 17.92 19.02 4.49
CA TRP B 75 17.42 19.00 3.12
C TRP B 75 18.31 19.78 2.18
N GLU B 76 18.90 20.88 2.67
CA GLU B 76 19.61 21.80 1.80
C GLU B 76 20.95 21.26 1.29
N ASP B 77 21.46 20.18 1.84
CA ASP B 77 22.75 19.67 1.38
C ASP B 77 22.61 19.22 -0.08
N GLU B 78 23.66 19.45 -0.87
CA GLU B 78 23.62 19.11 -2.29
C GLU B 78 23.20 17.65 -2.51
N LYS B 79 23.59 16.75 -1.61
CA LYS B 79 23.29 15.33 -1.77
C LYS B 79 21.92 14.93 -1.23
N ASN B 80 21.21 15.86 -0.56
CA ASN B 80 19.85 15.59 -0.08
C ASN B 80 18.76 16.34 -0.82
N LYS B 81 19.04 17.46 -1.47
CA LYS B 81 17.93 18.28 -1.93
C LYS B 81 17.11 17.60 -3.03
N ARG B 82 17.72 16.71 -3.82
CA ARG B 82 16.97 15.96 -4.83
C ARG B 82 16.48 14.62 -4.32
N GLY B 83 16.65 14.34 -3.02
CA GLY B 83 16.41 13.03 -2.47
C GLY B 83 15.16 12.95 -1.63
N GLY B 84 15.14 11.96 -0.74
CA GLY B 84 13.97 11.72 0.09
C GLY B 84 14.29 10.65 1.12
N ARG B 85 13.23 10.12 1.74
CA ARG B 85 13.42 9.25 2.90
C ARG B 85 12.41 8.12 2.93
N TRP B 86 12.91 6.94 3.30
CA TRP B 86 12.06 5.85 3.75
C TRP B 86 11.73 6.07 5.22
N LEU B 87 10.44 6.25 5.52
CA LEU B 87 10.02 6.71 6.84
C LEU B 87 9.40 5.56 7.61
N ILE B 88 9.85 5.38 8.86
CA ILE B 88 9.28 4.44 9.80
C ILE B 88 8.58 5.30 10.85
N THR B 89 7.25 5.23 10.96
CA THR B 89 6.54 5.97 11.98
C THR B 89 6.22 5.02 13.13
N LEU B 90 6.52 5.45 14.35
CA LEU B 90 6.29 4.64 15.53
CA LEU B 90 6.29 4.64 15.53
C LEU B 90 5.16 5.26 16.36
N ASN B 91 4.30 4.42 16.92
CA ASN B 91 3.35 4.96 17.86
C ASN B 91 4.03 5.09 19.22
N LYS B 92 3.29 5.64 20.17
CA LYS B 92 3.87 5.93 21.47
C LYS B 92 4.32 4.66 22.17
N GLN B 93 3.61 3.55 21.96
CA GLN B 93 3.97 2.30 22.60
C GLN B 93 5.24 1.73 22.02
N GLN B 94 5.54 2.04 20.76
CA GLN B 94 6.73 1.54 20.11
C GLN B 94 8.00 2.23 20.61
N ARG B 95 7.89 3.36 21.32
CA ARG B 95 9.09 3.88 21.98
C ARG B 95 9.74 2.81 22.83
N ARG B 96 8.92 2.06 23.58
CA ARG B 96 9.45 1.03 24.47
C ARG B 96 9.87 -0.22 23.71
N SER B 97 9.06 -0.68 22.77
CA SER B 97 9.24 -2.00 22.16
C SER B 97 10.25 -2.02 21.03
N ASP B 98 10.25 -1.00 20.17
CA ASP B 98 10.94 -1.04 18.88
C ASP B 98 11.96 0.05 18.64
N LEU B 99 11.89 1.20 19.33
CA LEU B 99 12.67 2.36 18.88
C LEU B 99 14.16 2.07 18.90
N ASP B 100 14.68 1.58 20.03
CA ASP B 100 16.13 1.39 20.13
C ASP B 100 16.60 0.24 19.24
N ARG B 101 15.84 -0.83 19.14
CA ARG B 101 16.28 -1.95 18.32
C ARG B 101 16.20 -1.60 16.83
N PHE B 102 15.15 -0.87 16.42
CA PHE B 102 15.07 -0.38 15.04
C PHE B 102 16.21 0.58 14.72
N TRP B 103 16.52 1.49 15.64
CA TRP B 103 17.57 2.47 15.36
C TRP B 103 18.92 1.79 15.23
N LEU B 104 19.24 0.83 16.12
CA LEU B 104 20.53 0.18 15.97
C LEU B 104 20.59 -0.63 14.67
N GLU B 105 19.49 -1.28 14.28
CA GLU B 105 19.50 -2.01 13.02
C GLU B 105 19.70 -1.07 11.84
N THR B 106 19.14 0.15 11.94
CA THR B 106 19.31 1.17 10.92
C THR B 106 20.78 1.61 10.84
N LEU B 107 21.40 1.88 11.99
CA LEU B 107 22.82 2.22 12.00
C LEU B 107 23.63 1.14 11.31
N LEU B 108 23.32 -0.13 11.60
CA LEU B 108 24.10 -1.22 11.02
C LEU B 108 23.85 -1.39 9.52
N CYS B 109 22.62 -1.15 9.07
CA CYS B 109 22.36 -1.15 7.62
C CYS B 109 23.24 -0.13 6.93
N LEU B 110 23.43 1.02 7.57
CA LEU B 110 24.29 2.06 6.99
C LEU B 110 25.75 1.65 7.01
N ILE B 111 26.31 1.37 8.20
CA ILE B 111 27.76 1.20 8.25
C ILE B 111 28.20 -0.11 7.59
N GLY B 112 27.32 -1.12 7.58
CA GLY B 112 27.60 -2.37 6.89
C GLY B 112 27.27 -2.39 5.40
N GLU B 113 26.83 -1.25 4.84
CA GLU B 113 26.51 -1.10 3.42
C GLU B 113 25.60 -2.21 2.93
N SER B 114 24.43 -2.30 3.57
CA SER B 114 23.56 -3.47 3.41
C SER B 114 22.68 -3.44 2.17
N PHE B 115 22.77 -2.40 1.33
CA PHE B 115 21.90 -2.26 0.16
C PHE B 115 22.64 -2.52 -1.15
N ASP B 116 23.71 -3.30 -1.09
CA ASP B 116 24.42 -3.84 -2.27
C ASP B 116 24.91 -2.65 -3.11
N ASP B 117 24.73 -2.67 -4.44
CA ASP B 117 25.19 -1.59 -5.28
C ASP B 117 24.51 -0.26 -4.94
N TYR B 118 23.33 -0.31 -4.31
CA TYR B 118 22.59 0.91 -4.08
C TYR B 118 22.94 1.56 -2.76
N SER B 119 23.86 0.98 -1.99
CA SER B 119 24.26 1.68 -0.76
C SER B 119 24.93 3.02 -1.07
N ASP B 120 25.42 3.20 -2.31
CA ASP B 120 25.95 4.51 -2.68
C ASP B 120 24.88 5.59 -2.74
N ASP B 121 23.61 5.23 -2.92
CA ASP B 121 22.52 6.21 -2.88
C ASP B 121 22.15 6.62 -1.47
N VAL B 122 22.61 5.91 -0.44
CA VAL B 122 22.25 6.25 0.94
C VAL B 122 23.06 7.46 1.39
N CYS B 123 22.37 8.44 1.97
CA CYS B 123 23.04 9.58 2.56
C CYS B 123 23.23 9.41 4.06
N GLY B 124 22.23 8.88 4.76
CA GLY B 124 22.29 8.79 6.20
C GLY B 124 20.94 8.37 6.74
N ALA B 125 20.78 8.53 8.05
CA ALA B 125 19.56 8.13 8.74
C ALA B 125 19.31 9.08 9.89
N VAL B 126 18.04 9.21 10.27
CA VAL B 126 17.64 10.16 11.32
C VAL B 126 16.64 9.45 12.23
N VAL B 127 16.79 9.62 13.54
CA VAL B 127 15.75 9.25 14.50
C VAL B 127 15.27 10.52 15.19
N ASN B 128 13.96 10.74 15.15
CA ASN B 128 13.30 11.84 15.82
C ASN B 128 12.59 11.29 17.04
N VAL B 129 12.94 11.77 18.23
CA VAL B 129 12.24 11.41 19.45
C VAL B 129 11.20 12.51 19.70
N ARG B 130 9.91 12.13 19.66
CA ARG B 130 8.85 13.12 19.85
C ARG B 130 7.69 12.57 20.67
N ALA B 131 7.08 13.47 21.42
CA ALA B 131 5.97 13.08 22.30
C ALA B 131 4.80 12.52 21.49
N LYS B 132 4.56 13.07 20.29
CA LYS B 132 3.43 12.64 19.48
C LYS B 132 3.69 11.34 18.73
N GLY B 133 4.93 10.84 18.75
CA GLY B 133 5.26 9.62 18.04
C GLY B 133 6.64 9.74 17.41
N ASP B 134 7.49 8.73 17.64
CA ASP B 134 8.84 8.81 17.10
C ASP B 134 8.89 8.42 15.62
N LYS B 135 10.00 8.78 14.96
CA LYS B 135 10.23 8.46 13.56
C LYS B 135 11.66 8.01 13.37
N ILE B 136 11.86 7.03 12.49
CA ILE B 136 13.18 6.66 12.00
C ILE B 136 13.12 6.71 10.48
N ALA B 137 14.18 7.18 9.84
CA ALA B 137 14.15 7.30 8.39
C ALA B 137 15.55 7.06 7.84
N ILE B 138 15.61 6.42 6.65
CA ILE B 138 16.83 6.38 5.86
C ILE B 138 16.70 7.38 4.72
N TRP B 139 17.69 8.27 4.60
CA TRP B 139 17.72 9.30 3.58
C TRP B 139 18.55 8.83 2.40
N THR B 140 18.01 9.00 1.19
CA THR B 140 18.71 8.66 -0.03
C THR B 140 18.80 9.89 -0.94
N THR B 141 19.69 9.83 -1.93
CA THR B 141 20.15 11.04 -2.60
C THR B 141 19.26 11.49 -3.76
N GLU B 142 18.46 10.60 -4.35
CA GLU B 142 17.76 10.96 -5.59
C GLU B 142 16.42 10.24 -5.60
N CYS B 143 15.33 10.99 -5.45
CA CYS B 143 14.02 10.33 -5.41
C CYS B 143 13.58 9.82 -6.76
N GLU B 144 14.23 10.22 -7.85
CA GLU B 144 13.91 9.73 -9.19
C GLU B 144 14.61 8.42 -9.52
N ASN B 145 15.48 7.92 -8.65
CA ASN B 145 16.18 6.65 -8.86
C ASN B 145 15.28 5.53 -8.36
N ARG B 146 14.35 5.12 -9.22
CA ARG B 146 13.31 4.18 -8.81
C ARG B 146 13.91 2.85 -8.37
N ASP B 147 14.90 2.34 -9.10
CA ASP B 147 15.48 1.04 -8.78
C ASP B 147 16.21 1.08 -7.44
N ALA B 148 17.01 2.12 -7.21
CA ALA B 148 17.76 2.21 -5.97
C ALA B 148 16.81 2.40 -4.80
N VAL B 149 15.86 3.34 -4.93
CA VAL B 149 14.94 3.63 -3.83
C VAL B 149 14.15 2.39 -3.46
N THR B 150 13.63 1.67 -4.47
CA THR B 150 12.82 0.48 -4.24
C THR B 150 13.63 -0.62 -3.58
N HIS B 151 14.85 -0.85 -4.05
CA HIS B 151 15.70 -1.88 -3.44
C HIS B 151 16.01 -1.55 -1.99
N ILE B 152 16.40 -0.30 -1.71
CA ILE B 152 16.71 0.09 -0.34
C ILE B 152 15.49 -0.14 0.56
N GLY B 153 14.31 0.27 0.09
CA GLY B 153 13.12 0.11 0.91
C GLY B 153 12.79 -1.34 1.19
N ARG B 154 12.91 -2.21 0.18
CA ARG B 154 12.55 -3.61 0.38
C ARG B 154 13.51 -4.29 1.35
N VAL B 155 14.81 -4.04 1.20
CA VAL B 155 15.80 -4.61 2.10
C VAL B 155 15.61 -4.08 3.51
N TYR B 156 15.40 -2.78 3.63
CA TYR B 156 15.26 -2.14 4.95
C TYR B 156 14.06 -2.70 5.70
N LYS B 157 12.94 -2.85 5.01
CA LYS B 157 11.74 -3.38 5.65
C LYS B 157 12.00 -4.77 6.21
N GLU B 158 12.74 -5.58 5.47
CA GLU B 158 13.00 -6.95 5.90
C GLU B 158 14.02 -6.98 7.02
N ARG B 159 15.02 -6.10 6.98
CA ARG B 159 16.01 -6.06 8.06
C ARG B 159 15.40 -5.62 9.37
N LEU B 160 14.40 -4.71 9.32
CA LEU B 160 13.66 -4.33 10.51
C LEU B 160 12.73 -5.42 11.00
N GLY B 161 12.41 -6.40 10.16
CA GLY B 161 11.48 -7.45 10.54
C GLY B 161 10.03 -7.03 10.51
N LEU B 162 9.68 -6.02 9.70
CA LEU B 162 8.30 -5.56 9.69
C LEU B 162 7.40 -6.58 8.98
N PRO B 163 6.15 -6.70 9.41
CA PRO B 163 5.28 -7.71 8.82
C PRO B 163 4.85 -7.31 7.42
N PRO B 164 4.65 -8.27 6.52
CA PRO B 164 4.19 -7.93 5.17
C PRO B 164 2.76 -7.41 5.11
N LYS B 165 2.04 -7.39 6.23
CA LYS B 165 0.68 -6.84 6.26
C LYS B 165 0.68 -5.33 6.33
N ILE B 166 1.83 -4.69 6.49
CA ILE B 166 1.91 -3.24 6.53
C ILE B 166 2.86 -2.76 5.45
N VAL B 167 2.78 -1.49 5.14
CA VAL B 167 3.60 -0.86 4.12
C VAL B 167 4.38 0.27 4.77
N ILE B 168 5.56 0.57 4.23
CA ILE B 168 6.30 1.77 4.58
C ILE B 168 6.39 2.63 3.33
N GLY B 169 6.47 3.95 3.53
CA GLY B 169 6.40 4.89 2.42
C GLY B 169 7.69 5.69 2.28
N TYR B 170 7.96 6.11 1.04
CA TYR B 170 9.10 6.96 0.70
C TYR B 170 8.58 8.34 0.27
N GLN B 171 9.15 9.38 0.86
CA GLN B 171 8.71 10.75 0.59
C GLN B 171 9.92 11.58 0.19
N SER B 172 9.72 12.50 -0.75
CA SER B 172 10.83 13.35 -1.17
C SER B 172 10.98 14.54 -0.23
N HIS B 173 12.22 15.02 -0.07
CA HIS B 173 12.45 16.14 0.83
C HIS B 173 11.81 17.41 0.30
N ALA B 174 11.75 17.57 -1.03
CA ALA B 174 11.08 18.74 -1.60
C ALA B 174 9.63 18.82 -1.15
N ASP B 175 8.97 17.67 -1.00
CA ASP B 175 7.59 17.64 -0.54
C ASP B 175 7.48 17.92 0.96
N THR B 176 8.34 17.28 1.76
CA THR B 176 8.32 17.47 3.21
C THR B 176 8.51 18.92 3.57
N ALA B 177 9.31 19.65 2.81
CA ALA B 177 9.73 20.99 3.17
C ALA B 177 8.59 21.99 3.02
N THR B 178 7.71 21.77 2.05
CA THR B 178 6.72 22.77 1.68
C THR B 178 5.33 22.45 2.23
N LYS B 185 2.40 12.45 1.12
CA LYS B 185 2.37 11.91 -0.24
C LYS B 185 3.54 10.98 -0.50
N ASN B 186 3.29 9.68 -0.56
CA ASN B 186 4.35 8.71 -0.80
C ASN B 186 4.67 8.61 -2.28
N ARG B 187 5.95 8.71 -2.62
CA ARG B 187 6.40 8.44 -3.98
C ARG B 187 6.51 6.94 -4.24
N PHE B 188 6.85 6.16 -3.21
CA PHE B 188 6.96 4.70 -3.31
C PHE B 188 6.42 4.10 -2.02
N VAL B 189 5.95 2.86 -2.13
CA VAL B 189 5.59 2.07 -0.95
C VAL B 189 6.11 0.65 -1.16
N VAL B 190 6.57 0.03 -0.07
CA VAL B 190 6.97 -1.39 -0.09
C VAL B 190 6.51 -2.07 1.19
N PRO C 4 26.91 18.18 25.42
CA PRO C 4 27.38 16.85 25.82
C PRO C 4 26.45 16.23 26.85
N GLU C 5 25.92 17.08 27.73
CA GLU C 5 25.09 16.58 28.83
C GLU C 5 23.83 15.90 28.33
N HIS C 6 23.32 16.32 27.17
CA HIS C 6 22.01 15.86 26.74
C HIS C 6 22.04 14.53 26.01
N TYR C 7 23.22 14.00 25.68
CA TYR C 7 23.26 12.76 24.93
C TYR C 7 24.34 11.78 25.41
N ILE C 8 25.19 12.16 26.35
CA ILE C 8 26.20 11.24 26.86
C ILE C 8 25.64 10.57 28.11
N LYS C 9 25.83 9.26 28.23
CA LYS C 9 25.47 8.60 29.48
C LYS C 9 26.42 8.99 30.59
N HIS C 10 25.95 8.87 31.83
CA HIS C 10 26.72 9.32 32.99
C HIS C 10 27.63 8.21 33.46
N PRO C 11 28.94 8.33 33.28
CA PRO C 11 29.84 7.21 33.60
C PRO C 11 29.98 7.02 35.11
N LEU C 12 30.08 5.77 35.52
CA LEU C 12 30.44 5.47 36.89
C LEU C 12 31.96 5.39 37.03
N GLN C 13 32.42 5.53 38.27
CA GLN C 13 33.85 5.43 38.55
C GLN C 13 34.38 4.04 38.22
N ASN C 14 33.59 3.00 38.47
CA ASN C 14 33.99 1.63 38.20
C ASN C 14 32.96 0.97 37.30
N ARG C 15 33.42 -0.05 36.58
CA ARG C 15 32.53 -1.02 35.94
C ARG C 15 32.15 -2.09 36.94
N TRP C 16 30.87 -2.46 36.95
CA TRP C 16 30.38 -3.43 37.91
C TRP C 16 29.79 -4.65 37.19
N ALA C 17 29.82 -5.78 37.87
CA ALA C 17 29.28 -7.03 37.38
C ALA C 17 28.23 -7.53 38.37
N LEU C 18 27.04 -7.83 37.86
CA LEU C 18 26.00 -8.43 38.68
C LEU C 18 25.98 -9.93 38.42
N TRP C 19 25.92 -10.71 39.49
CA TRP C 19 25.95 -12.17 39.44
C TRP C 19 24.67 -12.75 40.03
N PHE C 20 24.34 -13.96 39.58
CA PHE C 20 23.17 -14.69 40.06
C PHE C 20 23.57 -16.08 40.51
N PHE C 21 22.98 -16.53 41.62
CA PHE C 21 23.19 -17.87 42.14
C PHE C 21 21.84 -18.54 42.33
N LYS C 22 21.68 -19.75 41.77
CA LYS C 22 20.50 -20.56 42.02
C LYS C 22 20.96 -21.86 42.65
N ASN C 23 20.41 -22.19 43.82
CA ASN C 23 20.84 -23.39 44.54
C ASN C 23 20.48 -24.68 43.82
N LYS C 27 24.31 -29.84 41.08
CA LYS C 27 25.54 -29.20 40.63
C LYS C 27 26.35 -28.69 41.82
N THR C 28 27.64 -28.45 41.59
CA THR C 28 28.49 -27.85 42.62
C THR C 28 28.12 -26.38 42.83
N TRP C 29 28.56 -25.84 43.97
CA TRP C 29 28.29 -24.44 44.29
C TRP C 29 28.86 -23.51 43.21
N GLN C 30 30.13 -23.71 42.83
CA GLN C 30 30.76 -22.80 41.88
C GLN C 30 30.09 -22.87 40.52
N ALA C 31 29.57 -24.03 40.13
CA ALA C 31 28.88 -24.15 38.87
C ALA C 31 27.51 -23.46 38.90
N ASN C 32 26.97 -23.23 40.09
CA ASN C 32 25.68 -22.58 40.25
C ASN C 32 25.78 -21.06 40.26
N LEU C 33 27.00 -20.51 40.27
CA LEU C 33 27.22 -19.07 40.27
C LEU C 33 27.45 -18.61 38.83
N ARG C 34 26.67 -17.62 38.38
CA ARG C 34 26.71 -17.25 36.97
C ARG C 34 26.67 -15.73 36.80
N LEU C 35 27.47 -15.26 35.84
CA LEU C 35 27.46 -13.87 35.44
C LEU C 35 26.15 -13.48 34.77
N ILE C 36 25.55 -12.37 35.21
CA ILE C 36 24.39 -11.85 34.48
C ILE C 36 24.88 -10.88 33.42
N SER C 37 25.41 -9.73 33.84
CA SER C 37 25.87 -8.72 32.88
C SER C 37 26.69 -7.67 33.63
N LYS C 38 27.31 -6.79 32.86
CA LYS C 38 28.14 -5.72 33.39
C LYS C 38 27.62 -4.37 32.92
N PHE C 39 27.96 -3.32 33.68
CA PHE C 39 27.55 -1.96 33.35
C PHE C 39 28.57 -0.98 33.92
N ASP C 40 28.63 0.21 33.31
CA ASP C 40 29.54 1.22 33.84
C ASP C 40 28.99 2.64 33.68
N THR C 41 27.67 2.80 33.56
CA THR C 41 27.02 4.09 33.55
C THR C 41 25.78 4.02 34.42
N VAL C 42 25.30 5.21 34.80
CA VAL C 42 24.07 5.28 35.58
C VAL C 42 22.90 4.70 34.80
N GLU C 43 22.78 5.07 33.52
CA GLU C 43 21.65 4.62 32.71
C GLU C 43 21.65 3.11 32.55
N ASP C 44 22.83 2.51 32.37
CA ASP C 44 22.88 1.06 32.19
C ASP C 44 22.66 0.34 33.50
N PHE C 45 23.01 0.96 34.63
CA PHE C 45 22.62 0.40 35.91
C PHE C 45 21.11 0.27 36.01
N TRP C 46 20.38 1.35 35.73
CA TRP C 46 18.93 1.30 35.92
C TRP C 46 18.28 0.37 34.92
N ALA C 47 18.80 0.33 33.68
CA ALA C 47 18.26 -0.61 32.69
C ALA C 47 18.33 -2.04 33.20
N LEU C 48 19.42 -2.40 33.89
CA LEU C 48 19.55 -3.74 34.44
C LEU C 48 18.65 -3.93 35.66
N TYR C 49 18.72 -3.01 36.62
CA TYR C 49 17.91 -3.12 37.83
C TYR C 49 16.42 -3.18 37.50
N ASN C 50 15.97 -2.39 36.52
CA ASN C 50 14.53 -2.33 36.28
C ASN C 50 13.98 -3.58 35.60
N HIS C 51 14.82 -4.43 34.99
CA HIS C 51 14.26 -5.59 34.30
C HIS C 51 14.38 -6.89 35.10
N ILE C 52 15.08 -6.88 36.24
CA ILE C 52 15.29 -8.11 37.00
C ILE C 52 14.41 -8.12 38.25
N GLN C 53 14.24 -9.31 38.82
CA GLN C 53 13.34 -9.47 39.95
C GLN C 53 13.90 -8.77 41.19
N LEU C 54 12.97 -8.22 41.98
CA LEU C 54 13.33 -7.81 43.34
C LEU C 54 13.82 -9.03 44.12
N SER C 55 14.76 -8.79 45.04
CA SER C 55 15.30 -9.88 45.84
C SER C 55 14.20 -10.60 46.60
N SER C 56 13.20 -9.86 47.06
CA SER C 56 12.08 -10.43 47.82
C SER C 56 11.21 -11.38 47.00
N ASN C 57 11.35 -11.38 45.68
CA ASN C 57 10.59 -12.28 44.83
CA ASN C 57 10.59 -12.28 44.83
C ASN C 57 11.43 -13.44 44.30
N LEU C 58 12.68 -13.56 44.74
CA LEU C 58 13.53 -14.67 44.33
C LEU C 58 13.19 -15.94 45.12
N MET C 59 13.37 -17.08 44.47
CA MET C 59 13.16 -18.34 45.18
C MET C 59 14.16 -18.48 46.31
N PRO C 60 13.75 -19.05 47.45
CA PRO C 60 14.71 -19.28 48.54
C PRO C 60 15.91 -20.08 48.07
N GLY C 61 17.08 -19.67 48.54
CA GLY C 61 18.33 -20.30 48.15
C GLY C 61 19.09 -19.58 47.06
N CYS C 62 18.58 -18.45 46.56
CA CYS C 62 19.21 -17.65 45.52
C CYS C 62 19.93 -16.42 46.09
N ASP C 63 20.91 -15.93 45.33
CA ASP C 63 21.65 -14.72 45.67
C ASP C 63 21.74 -13.80 44.46
N TYR C 64 21.85 -12.51 44.74
CA TYR C 64 22.43 -11.54 43.82
C TYR C 64 23.77 -11.08 44.39
N SER C 65 24.77 -10.88 43.53
CA SER C 65 26.02 -10.27 43.94
C SER C 65 26.41 -9.20 42.92
N LEU C 66 26.81 -8.02 43.41
CA LEU C 66 27.36 -6.97 42.57
C LEU C 66 28.80 -6.70 43.01
N PHE C 67 29.77 -6.98 42.14
CA PHE C 67 31.17 -6.76 42.47
C PHE C 67 31.85 -5.99 41.35
N LYS C 68 32.90 -5.27 41.74
CA LYS C 68 33.74 -4.56 40.78
C LYS C 68 34.24 -5.52 39.71
N ASP C 69 34.26 -5.03 38.47
CA ASP C 69 34.73 -5.84 37.35
C ASP C 69 36.10 -6.43 37.65
N GLY C 70 36.20 -7.76 37.51
CA GLY C 70 37.43 -8.47 37.77
C GLY C 70 37.49 -9.16 39.12
N ILE C 71 36.59 -8.85 40.05
CA ILE C 71 36.55 -9.47 41.36
C ILE C 71 35.38 -10.43 41.37
N GLU C 72 35.67 -11.71 41.52
CA GLU C 72 34.58 -12.67 41.58
C GLU C 72 33.95 -12.69 42.97
N PRO C 73 32.57 -13.02 43.06
CA PRO C 73 31.87 -12.99 44.35
C PRO C 73 32.11 -14.22 45.20
N MET C 74 33.38 -14.51 45.48
CA MET C 74 33.75 -15.71 46.25
C MET C 74 35.04 -15.39 47.01
N TRP C 75 35.15 -15.90 48.26
CA TRP C 75 36.27 -15.51 49.12
C TRP C 75 37.62 -15.80 48.49
N GLU C 76 37.71 -16.83 47.65
CA GLU C 76 39.01 -17.25 47.15
C GLU C 76 39.63 -16.23 46.21
N ASP C 77 38.87 -15.23 45.77
CA ASP C 77 39.40 -14.21 44.88
C ASP C 77 40.48 -13.41 45.60
N GLU C 78 41.53 -13.05 44.85
CA GLU C 78 42.68 -12.38 45.43
C GLU C 78 42.30 -11.13 46.21
N LYS C 79 41.25 -10.43 45.79
CA LYS C 79 40.85 -9.21 46.46
C LYS C 79 39.90 -9.46 47.63
N ASN C 80 39.44 -10.69 47.82
CA ASN C 80 38.59 -11.05 48.95
C ASN C 80 39.38 -11.91 49.94
N ARG C 85 33.26 -8.90 55.13
CA ARG C 85 31.89 -8.42 55.24
C ARG C 85 31.44 -7.61 56.45
N TRP C 86 30.81 -6.49 56.13
CA TRP C 86 29.88 -5.84 57.03
C TRP C 86 28.53 -6.49 56.74
N LEU C 87 27.98 -7.20 57.72
CA LEU C 87 26.85 -8.11 57.50
C LEU C 87 25.57 -7.55 58.11
N ILE C 88 24.48 -7.61 57.35
CA ILE C 88 23.14 -7.21 57.78
C ILE C 88 22.27 -8.44 57.92
N THR C 89 21.73 -8.63 59.12
CA THR C 89 20.78 -9.69 59.41
C THR C 89 19.38 -9.13 59.29
N LEU C 90 18.49 -9.86 58.61
CA LEU C 90 17.10 -9.47 58.44
C LEU C 90 16.23 -10.65 58.82
N ASN C 91 15.32 -10.43 59.78
CA ASN C 91 14.41 -11.49 60.18
C ASN C 91 13.39 -11.75 59.07
N LYS C 92 12.51 -12.72 59.31
CA LYS C 92 11.54 -13.10 58.29
C LYS C 92 10.60 -11.94 57.96
N GLN C 93 10.25 -11.12 58.96
CA GLN C 93 9.36 -10.00 58.69
C GLN C 93 10.07 -8.90 57.91
N GLN C 94 11.40 -8.78 58.05
CA GLN C 94 12.14 -7.74 57.35
C GLN C 94 12.29 -8.02 55.87
N ARG C 95 12.05 -9.27 55.42
CA ARG C 95 11.98 -9.53 54.00
C ARG C 95 10.99 -8.58 53.33
N ARG C 96 9.84 -8.38 53.96
CA ARG C 96 8.82 -7.52 53.39
C ARG C 96 9.15 -6.04 53.60
N SER C 97 9.66 -5.68 54.77
CA SER C 97 9.80 -4.27 55.15
C SER C 97 11.07 -3.62 54.60
N ASP C 98 12.19 -4.32 54.66
CA ASP C 98 13.49 -3.68 54.49
C ASP C 98 14.37 -4.26 53.40
N LEU C 99 14.14 -5.50 52.97
CA LEU C 99 15.13 -6.19 52.13
C LEU C 99 15.37 -5.45 50.84
N ASP C 100 14.31 -5.12 50.10
CA ASP C 100 14.50 -4.51 48.80
C ASP C 100 15.04 -3.09 48.92
N ARG C 101 14.56 -2.32 49.90
CA ARG C 101 15.04 -0.95 50.02
C ARG C 101 16.49 -0.93 50.49
N PHE C 102 16.86 -1.84 51.39
CA PHE C 102 18.24 -1.96 51.82
C PHE C 102 19.14 -2.36 50.66
N TRP C 103 18.69 -3.34 49.84
CA TRP C 103 19.53 -3.81 48.75
C TRP C 103 19.76 -2.72 47.72
N LEU C 104 18.72 -1.95 47.36
CA LEU C 104 18.93 -0.91 46.36
C LEU C 104 19.83 0.19 46.89
N GLU C 105 19.68 0.57 48.17
CA GLU C 105 20.59 1.55 48.73
C GLU C 105 22.02 1.03 48.80
N THR C 106 22.18 -0.26 49.04
CA THR C 106 23.52 -0.84 49.02
C THR C 106 24.13 -0.75 47.62
N LEU C 107 23.35 -1.10 46.60
CA LEU C 107 23.79 -0.94 45.22
C LEU C 107 24.21 0.49 44.91
N LEU C 108 23.41 1.47 45.36
CA LEU C 108 23.73 2.86 45.06
C LEU C 108 24.96 3.34 45.83
N CYS C 109 25.15 2.84 47.06
CA CYS C 109 26.37 3.13 47.81
C CYS C 109 27.60 2.66 47.04
N LEU C 110 27.49 1.49 46.41
CA LEU C 110 28.61 0.93 45.67
C LEU C 110 28.91 1.76 44.42
N ILE C 111 27.92 1.91 43.53
CA ILE C 111 28.22 2.50 42.23
C ILE C 111 28.44 4.01 42.34
N GLY C 112 27.86 4.64 43.36
CA GLY C 112 28.06 6.04 43.60
C GLY C 112 29.30 6.41 44.39
N GLU C 113 30.13 5.43 44.76
CA GLU C 113 31.38 5.66 45.49
C GLU C 113 31.16 6.56 46.70
N SER C 114 30.28 6.11 47.59
CA SER C 114 29.78 6.92 48.69
C SER C 114 30.73 6.99 49.88
N PHE C 115 31.89 6.33 49.83
CA PHE C 115 32.79 6.25 50.97
C PHE C 115 34.05 7.11 50.82
N ASP C 116 34.01 8.13 49.97
CA ASP C 116 35.08 9.15 49.90
C ASP C 116 36.41 8.48 49.59
N ASP C 117 37.49 8.80 50.31
CA ASP C 117 38.80 8.21 50.05
C ASP C 117 38.82 6.71 50.25
N TYR C 118 37.92 6.17 51.07
CA TYR C 118 37.97 4.74 51.40
C TYR C 118 37.13 3.89 50.45
N SER C 119 36.52 4.50 49.44
CA SER C 119 35.74 3.71 48.48
C SER C 119 36.61 2.72 47.71
N ASP C 120 37.91 2.95 47.67
CA ASP C 120 38.82 2.03 47.00
C ASP C 120 38.85 0.66 47.67
N ASP C 121 38.51 0.58 48.97
CA ASP C 121 38.52 -0.68 49.68
C ASP C 121 37.30 -1.57 49.43
N VAL C 122 36.23 -1.04 48.83
CA VAL C 122 35.03 -1.85 48.61
C VAL C 122 35.25 -2.83 47.47
N CYS C 123 34.88 -4.09 47.69
CA CYS C 123 34.89 -5.09 46.62
C CYS C 123 33.52 -5.19 45.96
N GLY C 124 32.47 -5.29 46.76
CA GLY C 124 31.15 -5.51 46.22
C GLY C 124 30.15 -5.82 47.33
N ALA C 125 29.00 -6.36 46.93
CA ALA C 125 27.95 -6.68 47.90
C ALA C 125 27.17 -7.91 47.47
N VAL C 126 26.59 -8.60 48.45
CA VAL C 126 25.84 -9.84 48.23
C VAL C 126 24.53 -9.75 49.01
N VAL C 127 23.43 -10.19 48.39
CA VAL C 127 22.18 -10.41 49.11
C VAL C 127 21.84 -11.89 49.06
N ASN C 128 21.60 -12.49 50.23
CA ASN C 128 21.19 -13.89 50.35
C ASN C 128 19.69 -13.97 50.64
N VAL C 129 18.96 -14.66 49.77
CA VAL C 129 17.53 -14.94 49.96
C VAL C 129 17.38 -16.34 50.55
N ARG C 130 16.93 -16.44 51.79
CA ARG C 130 16.70 -17.74 52.43
C ARG C 130 15.52 -17.71 53.39
N ALA C 131 14.88 -18.87 53.50
CA ALA C 131 13.68 -18.99 54.32
C ALA C 131 13.99 -18.70 55.79
N LYS C 132 15.18 -19.07 56.26
CA LYS C 132 15.53 -18.85 57.66
C LYS C 132 15.91 -17.41 57.96
N GLY C 133 16.03 -16.55 56.96
CA GLY C 133 16.43 -15.18 57.20
C GLY C 133 17.38 -14.66 56.13
N ASP C 134 17.09 -13.48 55.60
CA ASP C 134 17.94 -12.92 54.56
C ASP C 134 19.17 -12.23 55.12
N LYS C 135 20.15 -12.04 54.25
CA LYS C 135 21.38 -11.33 54.59
C LYS C 135 21.75 -10.40 53.45
N ILE C 136 22.24 -9.21 53.80
CA ILE C 136 22.90 -8.31 52.86
C ILE C 136 24.23 -7.94 53.48
N ALA C 137 25.28 -7.88 52.65
CA ALA C 137 26.61 -7.60 53.16
C ALA C 137 27.39 -6.79 52.13
N ILE C 138 28.24 -5.89 52.62
CA ILE C 138 29.25 -5.23 51.80
C ILE C 138 30.59 -5.88 52.09
N TRP C 139 31.29 -6.30 51.03
CA TRP C 139 32.60 -6.95 51.17
C TRP C 139 33.68 -5.90 50.96
N THR C 140 34.68 -5.90 51.85
CA THR C 140 35.80 -4.97 51.73
C THR C 140 37.10 -5.76 51.63
N THR C 141 38.15 -5.06 51.20
CA THR C 141 39.37 -5.72 50.78
C THR C 141 40.31 -5.89 51.96
N GLU C 144 41.75 -5.94 57.52
CA GLU C 144 42.70 -5.59 58.56
C GLU C 144 43.01 -4.09 58.57
N ASN C 145 42.48 -3.37 57.58
CA ASN C 145 42.66 -1.92 57.48
C ASN C 145 41.55 -1.25 58.28
N ARG C 146 41.83 -1.00 59.55
CA ARG C 146 40.81 -0.51 60.48
C ARG C 146 40.23 0.83 60.03
N ASP C 147 41.06 1.71 59.47
CA ASP C 147 40.57 3.03 59.09
C ASP C 147 39.51 2.92 58.01
N ALA C 148 39.77 2.11 56.98
CA ALA C 148 38.80 1.94 55.90
C ALA C 148 37.57 1.18 56.38
N VAL C 149 37.78 0.04 57.05
CA VAL C 149 36.66 -0.81 57.46
C VAL C 149 35.71 -0.05 58.38
N THR C 150 36.26 0.74 59.30
CA THR C 150 35.43 1.51 60.22
C THR C 150 34.65 2.60 59.50
N HIS C 151 35.32 3.33 58.62
CA HIS C 151 34.66 4.41 57.88
C HIS C 151 33.50 3.87 57.06
N ILE C 152 33.72 2.76 56.34
CA ILE C 152 32.66 2.19 55.52
C ILE C 152 31.45 1.84 56.37
N GLY C 153 31.68 1.24 57.55
CA GLY C 153 30.57 0.86 58.40
C GLY C 153 29.73 2.04 58.85
N ARG C 154 30.38 3.13 59.23
CA ARG C 154 29.65 4.30 59.72
C ARG C 154 28.85 4.94 58.60
N VAL C 155 29.43 5.05 57.41
CA VAL C 155 28.72 5.61 56.27
C VAL C 155 27.57 4.69 55.88
N TYR C 156 27.81 3.38 55.84
CA TYR C 156 26.79 2.43 55.42
C TYR C 156 25.60 2.47 56.37
N LYS C 157 25.85 2.50 57.68
CA LYS C 157 24.77 2.56 58.65
C LYS C 157 23.95 3.83 58.48
N GLU C 158 24.63 4.97 58.31
CA GLU C 158 23.91 6.23 58.16
C GLU C 158 23.13 6.28 56.85
N ARG C 159 23.64 5.64 55.80
CA ARG C 159 22.95 5.67 54.51
C ARG C 159 21.68 4.82 54.54
N LEU C 160 21.72 3.70 55.26
CA LEU C 160 20.54 2.86 55.43
C LEU C 160 19.52 3.43 56.40
N GLY C 161 19.93 4.37 57.25
CA GLY C 161 19.03 4.89 58.26
C GLY C 161 18.81 3.97 59.44
N LEU C 162 19.73 3.04 59.68
CA LEU C 162 19.58 2.12 60.79
C LEU C 162 19.84 2.83 62.11
N PRO C 163 19.11 2.48 63.19
CA PRO C 163 19.31 3.07 64.52
C PRO C 163 20.56 2.52 65.22
N LYS C 185 31.97 -14.37 65.76
CA LYS C 185 33.12 -13.47 65.81
C LYS C 185 32.90 -12.27 64.89
N ASN C 186 32.78 -11.07 65.48
CA ASN C 186 32.59 -9.82 64.74
C ASN C 186 33.68 -8.85 65.14
N ARG C 187 34.62 -8.59 64.22
CA ARG C 187 35.78 -7.78 64.54
C ARG C 187 35.44 -6.31 64.77
N PHE C 188 34.29 -5.86 64.31
CA PHE C 188 33.89 -4.46 64.47
C PHE C 188 32.37 -4.38 64.44
N VAL C 189 31.85 -3.23 64.86
CA VAL C 189 30.41 -3.02 64.95
C VAL C 189 30.14 -1.53 64.87
N VAL C 190 28.92 -1.15 64.48
CA VAL C 190 28.57 0.26 64.38
C VAL C 190 27.07 0.44 64.58
N PRO D 4 -29.73 -16.13 -19.17
CA PRO D 4 -29.24 -15.47 -20.38
C PRO D 4 -29.68 -14.01 -20.46
N GLU D 5 -30.89 -13.75 -19.99
CA GLU D 5 -31.44 -12.40 -20.11
C GLU D 5 -30.66 -11.38 -19.30
N HIS D 6 -30.04 -11.80 -18.20
CA HIS D 6 -29.46 -10.88 -17.23
C HIS D 6 -28.04 -10.43 -17.55
N TYR D 7 -27.40 -11.02 -18.56
CA TYR D 7 -26.03 -10.62 -18.87
C TYR D 7 -25.76 -10.47 -20.36
N ILE D 8 -26.71 -10.80 -21.25
CA ILE D 8 -26.49 -10.62 -22.67
C ILE D 8 -27.04 -9.26 -23.09
N LYS D 9 -26.29 -8.53 -23.91
CA LYS D 9 -26.84 -7.31 -24.47
C LYS D 9 -27.92 -7.64 -25.49
N HIS D 10 -28.82 -6.69 -25.73
CA HIS D 10 -29.95 -6.94 -26.61
C HIS D 10 -29.55 -6.61 -28.04
N PRO D 11 -29.41 -7.60 -28.91
CA PRO D 11 -28.87 -7.33 -30.25
C PRO D 11 -29.88 -6.60 -31.11
N LEU D 12 -29.38 -5.70 -31.95
CA LEU D 12 -30.23 -5.10 -32.97
C LEU D 12 -30.23 -5.96 -34.22
N GLN D 13 -31.26 -5.76 -35.05
CA GLN D 13 -31.34 -6.49 -36.32
C GLN D 13 -30.16 -6.13 -37.22
N ASN D 14 -29.72 -4.88 -37.18
CA ASN D 14 -28.64 -4.39 -38.01
C ASN D 14 -27.53 -3.77 -37.17
N ARG D 15 -26.31 -3.77 -37.70
CA ARG D 15 -25.26 -2.90 -37.20
C ARG D 15 -25.37 -1.54 -37.85
N TRP D 16 -25.21 -0.49 -37.04
CA TRP D 16 -25.34 0.88 -37.50
C TRP D 16 -24.05 1.65 -37.29
N ALA D 17 -23.85 2.67 -38.12
CA ALA D 17 -22.70 3.56 -38.04
C ALA D 17 -23.19 4.99 -37.91
N LEU D 18 -22.68 5.71 -36.92
CA LEU D 18 -22.96 7.13 -36.76
C LEU D 18 -21.80 7.92 -37.36
N TRP D 19 -22.15 8.92 -38.18
CA TRP D 19 -21.20 9.77 -38.88
C TRP D 19 -21.39 11.22 -38.46
N PHE D 20 -20.32 12.00 -38.56
CA PHE D 20 -20.35 13.42 -38.23
C PHE D 20 -19.75 14.21 -39.38
N PHE D 21 -20.34 15.38 -39.64
CA PHE D 21 -19.85 16.33 -40.64
C PHE D 21 -19.61 17.67 -39.97
N LYS D 22 -18.42 18.23 -40.18
CA LYS D 22 -18.10 19.57 -39.70
C LYS D 22 -17.76 20.45 -40.89
N ASN D 23 -18.43 21.60 -40.98
CA ASN D 23 -18.20 22.52 -42.09
C ASN D 23 -16.78 23.08 -41.98
N ASP D 24 -15.96 22.80 -42.99
CA ASP D 24 -14.58 23.26 -43.04
C ASP D 24 -14.27 23.56 -44.51
N LYS D 25 -14.40 24.83 -44.90
CA LYS D 25 -14.26 25.21 -46.30
C LYS D 25 -12.88 24.89 -46.87
N SER D 26 -11.88 24.68 -46.02
CA SER D 26 -10.54 24.34 -46.49
C SER D 26 -10.45 22.95 -47.08
N LYS D 27 -11.52 22.15 -46.99
CA LYS D 27 -11.54 20.79 -47.49
C LYS D 27 -12.79 20.55 -48.31
N THR D 28 -12.76 19.51 -49.12
CA THR D 28 -13.92 19.09 -49.88
C THR D 28 -15.00 18.54 -48.95
N TRP D 29 -16.23 18.47 -49.47
CA TRP D 29 -17.35 17.95 -48.68
C TRP D 29 -17.07 16.53 -48.19
N GLN D 30 -16.58 15.66 -49.08
CA GLN D 30 -16.34 14.28 -48.71
C GLN D 30 -15.26 14.17 -47.65
N ALA D 31 -14.26 15.06 -47.70
CA ALA D 31 -13.19 15.02 -46.72
C ALA D 31 -13.64 15.48 -45.34
N ASN D 32 -14.74 16.22 -45.25
CA ASN D 32 -15.25 16.70 -43.98
C ASN D 32 -16.16 15.69 -43.29
N LEU D 33 -16.49 14.59 -43.96
CA LEU D 33 -17.36 13.56 -43.41
C LEU D 33 -16.50 12.47 -42.78
N ARG D 34 -16.78 12.14 -41.51
CA ARG D 34 -15.94 11.22 -40.75
C ARG D 34 -16.80 10.27 -39.93
N LEU D 35 -16.40 8.99 -39.93
CA LEU D 35 -17.05 7.98 -39.10
C LEU D 35 -16.75 8.20 -37.62
N ILE D 36 -17.80 8.14 -36.79
CA ILE D 36 -17.61 8.23 -35.34
C ILE D 36 -17.40 6.82 -34.78
N SER D 37 -18.44 5.98 -34.84
CA SER D 37 -18.34 4.62 -34.30
C SER D 37 -19.55 3.81 -34.77
N LYS D 38 -19.51 2.52 -34.48
CA LYS D 38 -20.55 1.58 -34.83
C LYS D 38 -21.09 0.86 -33.60
N PHE D 39 -22.31 0.33 -33.72
CA PHE D 39 -22.94 -0.39 -32.63
C PHE D 39 -23.94 -1.37 -33.21
N ASP D 40 -24.24 -2.43 -32.44
CA ASP D 40 -25.28 -3.34 -32.90
C ASP D 40 -26.09 -3.93 -31.76
N THR D 41 -26.12 -3.26 -30.62
CA THR D 41 -26.96 -3.63 -29.48
C THR D 41 -27.64 -2.40 -28.95
N VAL D 42 -28.73 -2.61 -28.20
CA VAL D 42 -29.42 -1.50 -27.56
C VAL D 42 -28.50 -0.78 -26.58
N GLU D 43 -27.79 -1.53 -25.74
CA GLU D 43 -26.94 -0.91 -24.72
C GLU D 43 -25.83 -0.09 -25.36
N ASP D 44 -25.29 -0.56 -26.49
CA ASP D 44 -24.25 0.19 -27.15
C ASP D 44 -24.81 1.40 -27.89
N PHE D 45 -26.06 1.33 -28.36
CA PHE D 45 -26.69 2.56 -28.87
C PHE D 45 -26.76 3.63 -27.80
N TRP D 46 -27.27 3.29 -26.62
CA TRP D 46 -27.46 4.34 -25.60
C TRP D 46 -26.12 4.86 -25.10
N ALA D 47 -25.12 3.98 -24.99
CA ALA D 47 -23.79 4.43 -24.59
C ALA D 47 -23.26 5.50 -25.53
N LEU D 48 -23.49 5.34 -26.84
CA LEU D 48 -23.05 6.33 -27.81
C LEU D 48 -23.92 7.59 -27.75
N TYR D 49 -25.24 7.41 -27.78
CA TYR D 49 -26.14 8.56 -27.73
C TYR D 49 -25.93 9.41 -26.48
N ASN D 50 -25.68 8.76 -25.34
CA ASN D 50 -25.59 9.53 -24.11
C ASN D 50 -24.29 10.31 -23.97
N HIS D 51 -23.26 10.02 -24.78
CA HIS D 51 -22.02 10.76 -24.58
C HIS D 51 -21.81 11.87 -25.60
N ILE D 52 -22.65 11.98 -26.62
CA ILE D 52 -22.46 12.95 -27.69
C ILE D 52 -23.46 14.09 -27.56
N GLN D 53 -23.18 15.18 -28.26
CA GLN D 53 -24.00 16.38 -28.16
C GLN D 53 -25.38 16.16 -28.77
N LEU D 54 -26.38 16.77 -28.15
CA LEU D 54 -27.67 16.91 -28.81
C LEU D 54 -27.51 17.69 -30.11
N SER D 55 -28.33 17.35 -31.09
CA SER D 55 -28.26 18.03 -32.38
C SER D 55 -28.47 19.53 -32.23
N SER D 56 -29.35 19.93 -31.30
CA SER D 56 -29.63 21.34 -31.08
C SER D 56 -28.43 22.11 -30.55
N ASN D 57 -27.39 21.43 -30.10
CA ASN D 57 -26.19 22.06 -29.59
CA ASN D 57 -26.19 22.06 -29.59
C ASN D 57 -25.02 21.99 -30.56
N LEU D 58 -25.21 21.46 -31.76
CA LEU D 58 -24.13 21.42 -32.73
C LEU D 58 -23.89 22.80 -33.35
N MET D 59 -22.64 23.06 -33.70
CA MET D 59 -22.29 24.29 -34.39
C MET D 59 -22.96 24.35 -35.76
N PRO D 60 -23.37 25.54 -36.20
CA PRO D 60 -23.99 25.66 -37.53
C PRO D 60 -23.10 25.08 -38.62
N GLY D 61 -23.73 24.35 -39.53
CA GLY D 61 -23.02 23.70 -40.62
C GLY D 61 -22.68 22.24 -40.39
N CYS D 62 -23.04 21.68 -39.24
CA CYS D 62 -22.72 20.30 -38.91
C CYS D 62 -23.91 19.37 -39.12
N ASP D 63 -23.61 18.08 -39.34
CA ASP D 63 -24.62 17.06 -39.46
C ASP D 63 -24.26 15.83 -38.64
N TYR D 64 -25.28 15.10 -38.19
CA TYR D 64 -25.16 13.70 -37.80
C TYR D 64 -25.83 12.82 -38.85
N SER D 65 -25.26 11.65 -39.13
CA SER D 65 -25.93 10.66 -39.97
C SER D 65 -25.82 9.28 -39.34
N LEU D 66 -26.92 8.55 -39.29
CA LEU D 66 -26.91 7.17 -38.83
C LEU D 66 -27.31 6.29 -40.01
N PHE D 67 -26.38 5.45 -40.45
CA PHE D 67 -26.60 4.60 -41.62
C PHE D 67 -26.24 3.16 -41.30
N LYS D 68 -26.92 2.24 -41.97
CA LYS D 68 -26.59 0.83 -41.84
C LYS D 68 -25.12 0.62 -42.17
N ASP D 69 -24.47 -0.25 -41.42
CA ASP D 69 -23.07 -0.57 -41.68
C ASP D 69 -22.88 -0.99 -43.12
N GLY D 70 -21.93 -0.32 -43.80
CA GLY D 70 -21.63 -0.59 -45.19
C GLY D 70 -22.18 0.43 -46.16
N ILE D 71 -23.08 1.31 -45.72
CA ILE D 71 -23.66 2.35 -46.55
C ILE D 71 -23.07 3.68 -46.11
N GLU D 72 -22.35 4.35 -47.03
CA GLU D 72 -21.87 5.66 -46.64
C GLU D 72 -23.00 6.69 -46.77
N PRO D 73 -23.00 7.73 -45.93
CA PRO D 73 -24.09 8.71 -45.95
C PRO D 73 -23.93 9.75 -47.05
N MET D 74 -23.86 9.26 -48.30
CA MET D 74 -23.65 10.16 -49.42
C MET D 74 -24.40 9.61 -50.63
N TRP D 75 -24.86 10.53 -51.49
CA TRP D 75 -25.69 10.15 -52.63
C TRP D 75 -25.01 9.12 -53.52
N GLU D 76 -23.68 9.17 -53.62
CA GLU D 76 -22.96 8.33 -54.58
C GLU D 76 -22.93 6.85 -54.17
N ASP D 77 -23.29 6.53 -52.94
CA ASP D 77 -23.21 5.15 -52.49
C ASP D 77 -24.18 4.28 -53.29
N GLU D 78 -23.74 3.04 -53.56
CA GLU D 78 -24.52 2.15 -54.41
C GLU D 78 -25.95 1.98 -53.92
N LYS D 79 -26.16 1.99 -52.60
CA LYS D 79 -27.50 1.80 -52.05
C LYS D 79 -28.29 3.10 -51.90
N ASN D 80 -27.68 4.25 -52.18
CA ASN D 80 -28.39 5.52 -52.18
C ASN D 80 -28.59 6.13 -53.56
N LYS D 81 -27.82 5.69 -54.56
CA LYS D 81 -27.84 6.38 -55.86
C LYS D 81 -29.24 6.40 -56.47
N ARG D 82 -29.98 5.30 -56.36
CA ARG D 82 -31.33 5.22 -56.92
C ARG D 82 -32.42 5.44 -55.87
N GLY D 83 -32.07 5.93 -54.69
CA GLY D 83 -33.02 6.07 -53.60
C GLY D 83 -33.59 7.47 -53.49
N GLY D 84 -34.17 7.75 -52.32
CA GLY D 84 -34.74 9.06 -52.03
C GLY D 84 -34.71 9.34 -50.53
N ARG D 85 -35.41 10.38 -50.09
CA ARG D 85 -35.45 10.71 -48.68
C ARG D 85 -36.82 11.27 -48.32
N TRP D 86 -37.36 10.82 -47.20
CA TRP D 86 -38.51 11.51 -46.59
C TRP D 86 -37.99 12.65 -45.73
N LEU D 87 -38.36 13.88 -46.07
CA LEU D 87 -37.71 15.08 -45.52
C LEU D 87 -38.60 15.79 -44.52
N ILE D 88 -38.03 16.13 -43.37
CA ILE D 88 -38.68 16.93 -42.33
C ILE D 88 -38.00 18.28 -42.30
N THR D 89 -38.75 19.34 -42.58
CA THR D 89 -38.24 20.70 -42.49
C THR D 89 -38.73 21.34 -41.20
N LEU D 90 -37.81 21.97 -40.47
CA LEU D 90 -38.09 22.61 -39.20
C LEU D 90 -37.79 24.10 -39.30
N ASN D 91 -38.65 24.94 -38.72
CA ASN D 91 -38.35 26.36 -38.72
C ASN D 91 -37.35 26.65 -37.60
N LYS D 92 -36.93 27.93 -37.51
CA LYS D 92 -35.92 28.29 -36.53
C LYS D 92 -36.40 28.05 -35.10
N GLN D 93 -37.69 28.24 -34.85
CA GLN D 93 -38.21 28.01 -33.51
C GLN D 93 -38.28 26.52 -33.18
N GLN D 94 -38.39 25.66 -34.19
CA GLN D 94 -38.50 24.24 -33.94
C GLN D 94 -37.20 23.59 -33.49
N ARG D 95 -36.05 24.27 -33.67
CA ARG D 95 -34.82 23.76 -33.07
C ARG D 95 -35.00 23.50 -31.58
N ARG D 96 -35.64 24.45 -30.89
CA ARG D 96 -35.79 24.29 -29.44
C ARG D 96 -36.87 23.27 -29.11
N SER D 97 -37.98 23.29 -29.85
CA SER D 97 -39.17 22.53 -29.50
C SER D 97 -39.10 21.07 -29.97
N ASP D 98 -38.62 20.82 -31.19
CA ASP D 98 -38.81 19.53 -31.84
C ASP D 98 -37.53 18.84 -32.31
N LEU D 99 -36.43 19.55 -32.53
CA LEU D 99 -35.30 18.98 -33.26
C LEU D 99 -34.76 17.74 -32.57
N ASP D 100 -34.48 17.85 -31.27
CA ASP D 100 -33.86 16.71 -30.57
C ASP D 100 -34.83 15.56 -30.39
N ARG D 101 -36.10 15.85 -30.08
CA ARG D 101 -37.04 14.76 -29.86
C ARG D 101 -37.37 14.05 -31.18
N PHE D 102 -37.49 14.80 -32.26
CA PHE D 102 -37.69 14.19 -33.58
C PHE D 102 -36.49 13.34 -33.97
N TRP D 103 -35.27 13.84 -33.72
CA TRP D 103 -34.07 13.10 -34.10
C TRP D 103 -33.96 11.80 -33.30
N LEU D 104 -34.19 11.85 -31.99
CA LEU D 104 -34.05 10.62 -31.23
C LEU D 104 -35.12 9.60 -31.63
N GLU D 105 -36.34 10.08 -31.90
CA GLU D 105 -37.37 9.15 -32.37
C GLU D 105 -37.02 8.58 -33.73
N THR D 106 -36.37 9.38 -34.59
CA THR D 106 -35.92 8.86 -35.88
C THR D 106 -34.88 7.77 -35.69
N LEU D 107 -33.89 8.02 -34.82
CA LEU D 107 -32.90 6.98 -34.50
C LEU D 107 -33.57 5.70 -34.03
N LEU D 108 -34.57 5.82 -33.16
CA LEU D 108 -35.23 4.64 -32.60
C LEU D 108 -36.07 3.93 -33.66
N CYS D 109 -36.66 4.69 -34.59
CA CYS D 109 -37.33 4.08 -35.74
C CYS D 109 -36.37 3.23 -36.56
N LEU D 110 -35.14 3.71 -36.75
CA LEU D 110 -34.18 2.97 -37.54
C LEU D 110 -33.75 1.70 -36.82
N ILE D 111 -33.20 1.82 -35.61
CA ILE D 111 -32.59 0.67 -34.97
C ILE D 111 -33.63 -0.33 -34.50
N GLY D 112 -34.85 0.12 -34.25
CA GLY D 112 -35.93 -0.77 -33.87
C GLY D 112 -36.68 -1.43 -35.01
N GLU D 113 -36.26 -1.18 -36.25
CA GLU D 113 -36.88 -1.76 -37.46
C GLU D 113 -38.40 -1.58 -37.42
N SER D 114 -38.80 -0.31 -37.34
CA SER D 114 -40.19 0.02 -37.07
C SER D 114 -41.08 -0.02 -38.31
N PHE D 115 -40.52 -0.35 -39.49
CA PHE D 115 -41.28 -0.25 -40.73
C PHE D 115 -41.69 -1.61 -41.29
N ASP D 116 -41.82 -2.61 -40.42
CA ASP D 116 -42.45 -3.91 -40.77
C ASP D 116 -41.69 -4.53 -41.95
N ASP D 117 -42.38 -4.98 -43.00
CA ASP D 117 -41.72 -5.61 -44.14
C ASP D 117 -40.77 -4.67 -44.86
N TYR D 118 -41.00 -3.37 -44.76
CA TYR D 118 -40.26 -2.41 -45.57
C TYR D 118 -39.01 -1.86 -44.90
N SER D 119 -38.68 -2.32 -43.68
CA SER D 119 -37.48 -1.79 -43.04
C SER D 119 -36.20 -2.13 -43.80
N ASP D 120 -36.22 -3.16 -44.65
CA ASP D 120 -35.05 -3.46 -45.47
C ASP D 120 -34.74 -2.35 -46.46
N ASP D 121 -35.73 -1.55 -46.85
CA ASP D 121 -35.49 -0.44 -47.75
C ASP D 121 -34.82 0.75 -47.08
N VAL D 122 -34.76 0.78 -45.74
CA VAL D 122 -34.15 1.92 -45.04
C VAL D 122 -32.64 1.87 -45.21
N CYS D 123 -32.05 2.99 -45.58
CA CYS D 123 -30.60 3.13 -45.58
C CYS D 123 -30.09 3.77 -44.30
N GLY D 124 -30.73 4.84 -43.87
CA GLY D 124 -30.26 5.57 -42.71
C GLY D 124 -31.00 6.89 -42.59
N ALA D 125 -30.45 7.77 -41.77
CA ALA D 125 -31.06 9.07 -41.51
C ALA D 125 -29.99 10.13 -41.31
N VAL D 126 -30.34 11.38 -41.60
CA VAL D 126 -29.43 12.51 -41.50
C VAL D 126 -30.17 13.65 -40.81
N VAL D 127 -29.50 14.33 -39.88
CA VAL D 127 -29.99 15.60 -39.37
C VAL D 127 -29.01 16.68 -39.78
N ASN D 128 -29.54 17.72 -40.43
CA ASN D 128 -28.78 18.90 -40.80
C ASN D 128 -29.14 20.02 -39.85
N VAL D 129 -28.15 20.54 -39.12
CA VAL D 129 -28.33 21.70 -38.25
C VAL D 129 -27.83 22.92 -39.02
N ARG D 130 -28.74 23.85 -39.35
CA ARG D 130 -28.36 25.08 -40.04
C ARG D 130 -29.23 26.25 -39.58
N ALA D 131 -28.64 27.45 -39.68
CA ALA D 131 -29.29 28.66 -39.19
C ALA D 131 -30.58 28.95 -39.94
N LYS D 132 -30.65 28.63 -41.22
CA LYS D 132 -31.87 28.95 -41.96
C LYS D 132 -33.00 27.99 -41.68
N GLY D 133 -32.74 26.92 -40.92
CA GLY D 133 -33.75 25.92 -40.62
C GLY D 133 -33.15 24.53 -40.66
N ASP D 134 -33.40 23.74 -39.62
CA ASP D 134 -32.82 22.41 -39.58
C ASP D 134 -33.65 21.43 -40.40
N LYS D 135 -33.02 20.30 -40.74
CA LYS D 135 -33.70 19.26 -41.50
C LYS D 135 -33.36 17.90 -40.91
N ILE D 136 -34.35 17.01 -40.90
CA ILE D 136 -34.15 15.60 -40.59
C ILE D 136 -34.74 14.81 -41.75
N ALA D 137 -34.06 13.72 -42.13
CA ALA D 137 -34.52 12.95 -43.27
C ALA D 137 -34.22 11.48 -43.02
N ILE D 138 -35.12 10.62 -43.48
CA ILE D 138 -34.86 9.19 -43.58
C ILE D 138 -34.59 8.88 -45.05
N TRP D 139 -33.46 8.22 -45.30
CA TRP D 139 -33.05 7.85 -46.66
C TRP D 139 -33.44 6.40 -46.92
N THR D 140 -34.02 6.14 -48.09
CA THR D 140 -34.36 4.79 -48.50
C THR D 140 -33.66 4.47 -49.82
N THR D 141 -33.62 3.19 -50.18
CA THR D 141 -32.71 2.70 -51.19
C THR D 141 -33.24 2.76 -52.62
N GLU D 142 -34.57 2.79 -52.82
CA GLU D 142 -35.14 2.70 -54.18
C GLU D 142 -36.31 3.68 -54.27
N CYS D 143 -36.08 4.82 -54.92
CA CYS D 143 -37.11 5.85 -55.00
C CYS D 143 -38.31 5.40 -55.83
N GLU D 144 -38.14 4.34 -56.63
CA GLU D 144 -39.22 3.78 -57.43
C GLU D 144 -40.00 2.69 -56.69
N ASN D 145 -39.59 2.31 -55.48
CA ASN D 145 -40.31 1.27 -54.74
C ASN D 145 -41.43 1.97 -53.97
N ARG D 146 -42.55 2.16 -54.67
CA ARG D 146 -43.66 2.94 -54.13
C ARG D 146 -44.24 2.30 -52.88
N ASP D 147 -44.35 0.97 -52.86
CA ASP D 147 -44.97 0.30 -51.73
C ASP D 147 -44.16 0.50 -50.46
N ALA D 148 -42.83 0.33 -50.55
CA ALA D 148 -41.97 0.53 -49.40
C ALA D 148 -41.92 2.01 -48.99
N VAL D 149 -41.70 2.89 -49.96
CA VAL D 149 -41.58 4.32 -49.67
C VAL D 149 -42.84 4.84 -48.99
N THR D 150 -44.01 4.43 -49.48
CA THR D 150 -45.27 4.91 -48.91
C THR D 150 -45.45 4.43 -47.47
N HIS D 151 -45.20 3.15 -47.21
CA HIS D 151 -45.40 2.63 -45.87
C HIS D 151 -44.46 3.31 -44.88
N ILE D 152 -43.18 3.46 -45.26
CA ILE D 152 -42.23 4.13 -44.38
C ILE D 152 -42.67 5.55 -44.07
N GLY D 153 -43.14 6.28 -45.08
CA GLY D 153 -43.58 7.65 -44.86
C GLY D 153 -44.74 7.75 -43.89
N ARG D 154 -45.72 6.85 -44.04
CA ARG D 154 -46.90 6.90 -43.17
C ARG D 154 -46.55 6.53 -41.74
N VAL D 155 -45.73 5.51 -41.56
CA VAL D 155 -45.32 5.10 -40.22
C VAL D 155 -44.50 6.20 -39.55
N TYR D 156 -43.59 6.82 -40.33
CA TYR D 156 -42.73 7.85 -39.77
C TYR D 156 -43.53 9.05 -39.25
N LYS D 157 -44.52 9.50 -40.03
CA LYS D 157 -45.35 10.61 -39.57
C LYS D 157 -46.12 10.26 -38.30
N GLU D 158 -46.61 9.02 -38.22
CA GLU D 158 -47.32 8.60 -37.02
C GLU D 158 -46.38 8.47 -35.82
N ARG D 159 -45.12 8.10 -36.05
CA ARG D 159 -44.17 7.99 -34.95
C ARG D 159 -43.66 9.35 -34.50
N LEU D 160 -43.54 10.30 -35.42
CA LEU D 160 -43.16 11.66 -35.05
C LEU D 160 -44.27 12.42 -34.35
N GLY D 161 -45.52 11.95 -34.44
CA GLY D 161 -46.63 12.68 -33.85
C GLY D 161 -47.08 13.87 -34.66
N LEU D 162 -46.81 13.89 -35.96
CA LEU D 162 -47.23 15.01 -36.79
C LEU D 162 -48.73 14.94 -37.06
N PRO D 163 -49.43 16.07 -37.08
CA PRO D 163 -50.87 16.04 -37.31
C PRO D 163 -51.16 15.76 -38.77
N PRO D 164 -52.32 15.14 -39.07
CA PRO D 164 -52.75 15.00 -40.47
C PRO D 164 -52.71 16.29 -41.27
N LYS D 165 -52.80 17.44 -40.59
CA LYS D 165 -52.73 18.73 -41.29
C LYS D 165 -51.37 18.96 -41.92
N ILE D 166 -50.32 18.32 -41.41
CA ILE D 166 -48.96 18.54 -41.89
C ILE D 166 -48.67 17.54 -43.01
N VAL D 167 -48.13 18.04 -44.11
CA VAL D 167 -47.70 17.21 -45.22
C VAL D 167 -46.18 17.05 -45.14
N ILE D 168 -45.70 15.86 -45.48
CA ILE D 168 -44.27 15.59 -45.59
C ILE D 168 -44.01 14.96 -46.95
N GLY D 169 -42.82 15.23 -47.49
CA GLY D 169 -42.52 14.79 -48.85
C GLY D 169 -41.34 13.85 -48.97
N TYR D 170 -41.27 13.16 -50.10
CA TYR D 170 -40.17 12.27 -50.45
C TYR D 170 -39.53 12.75 -51.75
N GLN D 171 -38.22 12.96 -51.73
CA GLN D 171 -37.48 13.51 -52.86
C GLN D 171 -36.38 12.54 -53.28
N SER D 172 -36.19 12.41 -54.60
CA SER D 172 -35.20 11.49 -55.15
C SER D 172 -33.77 11.89 -54.75
N LYS D 185 -38.54 19.54 -55.74
CA LYS D 185 -39.58 18.68 -56.28
C LYS D 185 -39.76 17.44 -55.41
N ASN D 186 -41.01 16.98 -55.30
CA ASN D 186 -41.34 15.80 -54.52
C ASN D 186 -41.87 14.70 -55.43
N ARG D 187 -41.69 13.46 -54.99
CA ARG D 187 -42.21 12.29 -55.69
C ARG D 187 -43.31 11.57 -54.91
N PHE D 188 -43.49 11.90 -53.63
CA PHE D 188 -44.53 11.31 -52.81
C PHE D 188 -44.95 12.32 -51.75
N VAL D 189 -46.12 12.09 -51.17
CA VAL D 189 -46.67 12.99 -50.15
C VAL D 189 -47.35 12.14 -49.08
N VAL D 190 -47.06 12.43 -47.82
CA VAL D 190 -47.68 11.74 -46.70
C VAL D 190 -48.13 12.77 -45.66
#